data_4ROK
# 
_entry.id   4ROK 
# 
_audit_conform.dict_name       mmcif_pdbx.dic 
_audit_conform.dict_version    5.379 
_audit_conform.dict_location   http://mmcif.pdb.org/dictionaries/ascii/mmcif_pdbx.dic 
# 
loop_
_database_2.database_id 
_database_2.database_code 
_database_2.pdbx_database_accession 
_database_2.pdbx_DOI 
PDB   4ROK         pdb_00004rok 10.2210/pdb4rok/pdb 
NDB   NA3266       ?            ?                   
RCSB  RCSB087601   ?            ?                   
WWPDB D_1000087601 ?            ?                   
# 
loop_
_pdbx_database_related.db_name 
_pdbx_database_related.db_id 
_pdbx_database_related.details 
_pdbx_database_related.content_type 
PDB 4RNK 'Sequence and structure of a self-assembled 3-D DNA crystal: D(GGAAAATTTGGAG)' unspecified 
PDB 1P1Y 'Crystal structure of a continuous three-dimensional DNA lattice.'             unspecified 
PDB 4RO4 .                                                                              unspecified 
PDB 4RO7 .                                                                              unspecified 
PDB 4RO8 .                                                                              unspecified 
PDB 4ROG .                                                                              unspecified 
PDB 4RON .                                                                              unspecified 
PDB 4ROO .                                                                              unspecified 
# 
_pdbx_database_status.status_code                     REL 
_pdbx_database_status.entry_id                        4ROK 
_pdbx_database_status.recvd_initial_deposition_date   2014-10-28 
_pdbx_database_status.deposit_site                    RCSB 
_pdbx_database_status.process_site                    RCSB 
_pdbx_database_status.status_code_sf                  REL 
_pdbx_database_status.status_code_mr                  ? 
_pdbx_database_status.SG_entry                        ? 
_pdbx_database_status.status_code_cs                  ? 
_pdbx_database_status.methods_development_category    ? 
_pdbx_database_status.pdb_format_compatible           Y 
_pdbx_database_status.status_code_nmr_data            ? 
# 
loop_
_audit_author.name 
_audit_author.pdbx_ordinal 
'Saoji, M.M.'      1 
'Paukstelis, P.J.' 2 
# 
loop_
_citation.id 
_citation.title 
_citation.journal_abbrev 
_citation.journal_volume 
_citation.page_first 
_citation.page_last 
_citation.year 
_citation.journal_id_ASTM 
_citation.country 
_citation.journal_id_ISSN 
_citation.journal_id_CSD 
_citation.book_publisher 
_citation.pdbx_database_id_PubMed 
_citation.pdbx_database_id_DOI 
primary 'Probing the role of sequence in the assembly of three-dimensional DNA crystals.' Biopolymers 103 618  626  2015 BIPMAA US 
0006-3525 0161 ? 26015367 10.1002/bip.22688              
1       'Crystal structure of a continuous three-dimensional DNA lattice.'                Chem.Biol.  11  1119 1126 2004 CBOLE2 UK 
1074-5521 2050 ? 15324813 10.1016/j.chembiol.2004.05.021 
# 
loop_
_citation_author.citation_id 
_citation_author.name 
_citation_author.ordinal 
_citation_author.identifier_ORCID 
primary 'Saoji, M.'        1 ? 
primary 'Zhang, D.'        2 ? 
primary 'Paukstelis, P.J.' 3 ? 
1       'Paukstelis, P.J.' 4 ? 
1       'Nowakowski, J.'   5 ? 
1       'Birktoft, J.J.'   6 ? 
1       'Seeman, N.C.'     7 ? 
# 
_cell.entry_id           4ROK 
_cell.length_a           40.641 
_cell.length_b           40.641 
_cell.length_c           51.983 
_cell.angle_alpha        90.00 
_cell.angle_beta         90.00 
_cell.angle_gamma        120.00 
_cell.Z_PDB              6 
_cell.pdbx_unique_axis   ? 
_cell.length_a_esd       ? 
_cell.length_b_esd       ? 
_cell.length_c_esd       ? 
_cell.angle_alpha_esd    ? 
_cell.angle_beta_esd     ? 
_cell.angle_gamma_esd    ? 
# 
_symmetry.entry_id                         4ROK 
_symmetry.space_group_name_H-M             'P 64' 
_symmetry.pdbx_full_space_group_name_H-M   ? 
_symmetry.cell_setting                     ? 
_symmetry.Int_Tables_number                172 
_symmetry.space_group_name_Hall            ? 
# 
loop_
_entity.id 
_entity.type 
_entity.src_method 
_entity.pdbx_description 
_entity.formula_weight 
_entity.pdbx_number_of_molecules 
_entity.pdbx_ec 
_entity.pdbx_mutation 
_entity.pdbx_fragment 
_entity.details 
1 polymer     syn 'D(GGACAGCTGGGAG)' 4081.660 1 ? ? ? ? 
2 non-polymer syn 'MAGNESIUM ION'    24.305   1 ? ? ? ? 
3 water       nat water              18.015   3 ? ? ? ? 
# 
_entity_poly.entity_id                      1 
_entity_poly.type                           polydeoxyribonucleotide 
_entity_poly.nstd_linkage                   no 
_entity_poly.nstd_monomer                   no 
_entity_poly.pdbx_seq_one_letter_code       '(DG)(DG)(DA)(DC)(DA)(DG)(DC)(DT)(DG)(DG)(DG)(DA)(DG)' 
_entity_poly.pdbx_seq_one_letter_code_can   GGACAGCTGGGAG 
_entity_poly.pdbx_strand_id                 A 
_entity_poly.pdbx_target_identifier         ? 
# 
loop_
_entity_poly_seq.entity_id 
_entity_poly_seq.num 
_entity_poly_seq.mon_id 
_entity_poly_seq.hetero 
1 1  DG n 
1 2  DG n 
1 3  DA n 
1 4  DC n 
1 5  DA n 
1 6  DG n 
1 7  DC n 
1 8  DT n 
1 9  DG n 
1 10 DG n 
1 11 DG n 
1 12 DA n 
1 13 DG n 
# 
_pdbx_entity_src_syn.entity_id              1 
_pdbx_entity_src_syn.pdbx_src_id            1 
_pdbx_entity_src_syn.pdbx_alt_source_flag   sample 
_pdbx_entity_src_syn.pdbx_beg_seq_num       ? 
_pdbx_entity_src_syn.pdbx_end_seq_num       ? 
_pdbx_entity_src_syn.organism_scientific    ? 
_pdbx_entity_src_syn.organism_common_name   ? 
_pdbx_entity_src_syn.ncbi_taxonomy_id       ? 
_pdbx_entity_src_syn.details                'DNA molecule synthesized on a DNA synthesizer' 
# 
_struct_ref.id                         1 
_struct_ref.db_name                    PDB 
_struct_ref.db_code                    4ROK 
_struct_ref.pdbx_db_accession          4ROK 
_struct_ref.entity_id                  1 
_struct_ref.pdbx_align_begin           ? 
_struct_ref.pdbx_seq_one_letter_code   GGACAGCTGGGAG 
_struct_ref.pdbx_db_isoform            ? 
# 
_struct_ref_seq.align_id                      1 
_struct_ref_seq.ref_id                        1 
_struct_ref_seq.pdbx_PDB_id_code              4ROK 
_struct_ref_seq.pdbx_strand_id                A 
_struct_ref_seq.seq_align_beg                 1 
_struct_ref_seq.pdbx_seq_align_beg_ins_code   ? 
_struct_ref_seq.seq_align_end                 13 
_struct_ref_seq.pdbx_seq_align_end_ins_code   ? 
_struct_ref_seq.pdbx_db_accession             4ROK 
_struct_ref_seq.db_align_beg                  1 
_struct_ref_seq.pdbx_db_align_beg_ins_code    ? 
_struct_ref_seq.db_align_end                  13 
_struct_ref_seq.pdbx_db_align_end_ins_code    ? 
_struct_ref_seq.pdbx_auth_seq_align_beg       1 
_struct_ref_seq.pdbx_auth_seq_align_end       13 
# 
loop_
_chem_comp.id 
_chem_comp.type 
_chem_comp.mon_nstd_flag 
_chem_comp.name 
_chem_comp.pdbx_synonyms 
_chem_comp.formula 
_chem_comp.formula_weight 
DA  'DNA linking' y "2'-DEOXYADENOSINE-5'-MONOPHOSPHATE" ? 'C10 H14 N5 O6 P' 331.222 
DC  'DNA linking' y "2'-DEOXYCYTIDINE-5'-MONOPHOSPHATE"  ? 'C9 H14 N3 O7 P'  307.197 
DG  'DNA linking' y "2'-DEOXYGUANOSINE-5'-MONOPHOSPHATE" ? 'C10 H14 N5 O7 P' 347.221 
DT  'DNA linking' y "THYMIDINE-5'-MONOPHOSPHATE"         ? 'C10 H15 N2 O8 P' 322.208 
HOH non-polymer   . WATER                                ? 'H2 O'            18.015  
MG  non-polymer   . 'MAGNESIUM ION'                      ? 'Mg 2'            24.305  
# 
_exptl.entry_id          4ROK 
_exptl.method            'X-RAY DIFFRACTION' 
_exptl.crystals_number   1 
# 
_exptl_crystal.id                    1 
_exptl_crystal.density_meas          ? 
_exptl_crystal.density_Matthews      3.04 
_exptl_crystal.density_percent_sol   59.49 
_exptl_crystal.description           ? 
_exptl_crystal.F_000                 ? 
_exptl_crystal.preparation           ? 
# 
_exptl_crystal_grow.crystal_id      1 
_exptl_crystal_grow.method          EVAPORATION 
_exptl_crystal_grow.temp            298 
_exptl_crystal_grow.temp_details    ? 
_exptl_crystal_grow.pH              ? 
_exptl_crystal_grow.pdbx_details    
'120mM Magnesium Formate, 50mM Lithium Chloride, 10% MPD, pH none, EVAPORATION, temperature 298K' 
_exptl_crystal_grow.pdbx_pH_range   none 
# 
_diffrn.id                     1 
_diffrn.ambient_temp           100 
_diffrn.ambient_temp_details   ? 
_diffrn.crystal_id             1 
# 
_diffrn_detector.diffrn_id              1 
_diffrn_detector.detector               PIXEL 
_diffrn_detector.type                   'DECTRIS PILATUS 6M-F' 
_diffrn_detector.pdbx_collection_date   2014-06-29 
_diffrn_detector.details                ? 
# 
_diffrn_radiation.diffrn_id                        1 
_diffrn_radiation.wavelength_id                    1 
_diffrn_radiation.pdbx_monochromatic_or_laue_m_l   M 
_diffrn_radiation.monochromator                    'Si(111)' 
_diffrn_radiation.pdbx_diffrn_protocol             'SINGLE WAVELENGTH' 
_diffrn_radiation.pdbx_scattering_type             x-ray 
# 
_diffrn_radiation_wavelength.id           1 
_diffrn_radiation_wavelength.wavelength   0.979200 
_diffrn_radiation_wavelength.wt           1.0 
# 
_diffrn_source.diffrn_id                   1 
_diffrn_source.source                      SYNCHROTRON 
_diffrn_source.type                        'APS BEAMLINE 24-ID-C' 
_diffrn_source.pdbx_synchrotron_site       APS 
_diffrn_source.pdbx_synchrotron_beamline   24-ID-C 
_diffrn_source.pdbx_wavelength             ? 
_diffrn_source.pdbx_wavelength_list        0.979200 
# 
_reflns.entry_id                     4ROK 
_reflns.observed_criterion_sigma_I   0 
_reflns.observed_criterion_sigma_F   0 
_reflns.d_resolution_low             35.20 
_reflns.d_resolution_high            2.16 
_reflns.number_obs                   2549 
_reflns.number_all                   ? 
_reflns.percent_possible_obs         ? 
_reflns.pdbx_Rmerge_I_obs            0.046 
_reflns.pdbx_Rsym_value              ? 
_reflns.pdbx_netI_over_sigmaI        17.2 
_reflns.B_iso_Wilson_estimate        ? 
_reflns.pdbx_redundancy              3.4 
_reflns.R_free_details               ? 
_reflns.limit_h_max                  ? 
_reflns.limit_h_min                  ? 
_reflns.limit_k_max                  ? 
_reflns.limit_k_min                  ? 
_reflns.limit_l_max                  ? 
_reflns.limit_l_min                  ? 
_reflns.observed_criterion_F_max     ? 
_reflns.observed_criterion_F_min     ? 
_reflns.pdbx_chi_squared             ? 
_reflns.pdbx_scaling_rejects         ? 
_reflns.pdbx_ordinal                 1 
_reflns.pdbx_diffrn_id               1 
# 
_reflns_shell.d_res_high             2.16 
_reflns_shell.d_res_low              2.28 
_reflns_shell.percent_possible_all   ? 
_reflns_shell.Rmerge_I_obs           0.372 
_reflns_shell.pdbx_Rsym_value        ? 
_reflns_shell.meanI_over_sigI_obs    2.8 
_reflns_shell.pdbx_redundancy        2.9 
_reflns_shell.percent_possible_obs   ? 
_reflns_shell.number_unique_all      386 
_reflns_shell.number_measured_all    ? 
_reflns_shell.number_measured_obs    ? 
_reflns_shell.number_unique_obs      ? 
_reflns_shell.pdbx_chi_squared       ? 
_reflns_shell.pdbx_ordinal           1 
_reflns_shell.pdbx_diffrn_id         1 
# 
_refine.entry_id                                 4ROK 
_refine.ls_number_reflns_obs                     2287 
_refine.ls_number_reflns_all                     ? 
_refine.pdbx_ls_sigma_I                          ? 
_refine.pdbx_ls_sigma_F                          . 
_refine.pdbx_data_cutoff_high_absF               ? 
_refine.pdbx_data_cutoff_low_absF                ? 
_refine.pdbx_data_cutoff_high_rms_absF           ? 
_refine.ls_d_res_low                             35.20 
_refine.ls_d_res_high                            2.16 
_refine.ls_percent_reflns_obs                    95.16 
_refine.ls_R_factor_obs                          0.21672 
_refine.ls_R_factor_all                          ? 
_refine.ls_R_factor_R_work                       0.21326 
_refine.ls_R_factor_R_free                       0.24839 
_refine.ls_R_factor_R_free_error                 ? 
_refine.ls_R_factor_R_free_error_details         ? 
_refine.ls_percent_reflns_R_free                 9.9 
_refine.ls_number_reflns_R_free                  250 
_refine.ls_number_parameters                     ? 
_refine.ls_number_restraints                     ? 
_refine.occupancy_min                            ? 
_refine.occupancy_max                            ? 
_refine.correlation_coeff_Fo_to_Fc               0.965 
_refine.correlation_coeff_Fo_to_Fc_free          0.960 
_refine.B_iso_mean                               70.182 
_refine.aniso_B[1][1]                            -0.10 
_refine.aniso_B[2][2]                            -0.10 
_refine.aniso_B[3][3]                            0.33 
_refine.aniso_B[1][2]                            -0.05 
_refine.aniso_B[1][3]                            0.00 
_refine.aniso_B[2][3]                            -0.00 
_refine.solvent_model_details                    MASK 
_refine.solvent_model_param_ksol                 ? 
_refine.solvent_model_param_bsol                 ? 
_refine.pdbx_solvent_vdw_probe_radii             1.00 
_refine.pdbx_solvent_ion_probe_radii             0.70 
_refine.pdbx_solvent_shrinkage_radii             0.70 
_refine.pdbx_ls_cross_valid_method               THROUGHOUT 
_refine.details                                  'HYDROGENS HAVE BEEN ADDED IN THE RIDING POSITIONS' 
_refine.pdbx_starting_model                      'PDB ENTRY 1p1y' 
_refine.pdbx_method_to_determine_struct          'MOLECULAR REPLACEMENT' 
_refine.pdbx_isotropic_thermal_model             ? 
_refine.pdbx_stereochemistry_target_values       'MAXIMUM LIKELIHOOD' 
_refine.pdbx_stereochem_target_val_spec_case     ? 
_refine.pdbx_R_Free_selection_details            RANDOM 
_refine.pdbx_overall_ESU_R                       0.220 
_refine.pdbx_overall_ESU_R_Free                  0.190 
_refine.overall_SU_ML                            0.153 
_refine.pdbx_overall_phase_error                 ? 
_refine.overall_SU_B                             14.599 
_refine.overall_SU_R_Cruickshank_DPI             ? 
_refine.ls_redundancy_reflns_obs                 ? 
_refine.B_iso_min                                ? 
_refine.B_iso_max                                ? 
_refine.overall_SU_R_free                        ? 
_refine.ls_wR_factor_R_free                      ? 
_refine.ls_wR_factor_R_work                      ? 
_refine.overall_FOM_free_R_set                   ? 
_refine.overall_FOM_work_R_set                   ? 
_refine.pdbx_diffrn_id                           1 
_refine.pdbx_refine_id                           'X-RAY DIFFRACTION' 
_refine.pdbx_TLS_residual_ADP_flag               ? 
_refine.pdbx_overall_SU_R_free_Cruickshank_DPI   ? 
_refine.pdbx_overall_SU_R_Blow_DPI               ? 
_refine.pdbx_overall_SU_R_free_Blow_DPI          ? 
# 
_refine_hist.pdbx_refine_id                   'X-RAY DIFFRACTION' 
_refine_hist.cycle_id                         LAST 
_refine_hist.pdbx_number_atoms_protein        0 
_refine_hist.pdbx_number_atoms_nucleic_acid   254 
_refine_hist.pdbx_number_atoms_ligand         1 
_refine_hist.number_atoms_solvent             3 
_refine_hist.number_atoms_total               258 
_refine_hist.d_res_high                       2.16 
_refine_hist.d_res_low                        35.20 
# 
loop_
_refine_ls_restr.type 
_refine_ls_restr.dev_ideal 
_refine_ls_restr.dev_ideal_target 
_refine_ls_restr.weight 
_refine_ls_restr.number 
_refine_ls_restr.pdbx_restraint_function 
_refine_ls_restr.pdbx_refine_id 
r_bond_refined_d             0.008 0.011  ? 286 ? 'X-RAY DIFFRACTION' 
r_bond_other_d               0.002 0.020  ? 134 ? 'X-RAY DIFFRACTION' 
r_angle_refined_deg          1.566 1.150  ? 442 ? 'X-RAY DIFFRACTION' 
r_angle_other_deg            3.675 3.000  ? 316 ? 'X-RAY DIFFRACTION' 
r_dihedral_angle_1_deg       ?     ?      ? ?   ? 'X-RAY DIFFRACTION' 
r_dihedral_angle_2_deg       ?     ?      ? ?   ? 'X-RAY DIFFRACTION' 
r_dihedral_angle_3_deg       ?     ?      ? ?   ? 'X-RAY DIFFRACTION' 
r_dihedral_angle_4_deg       ?     ?      ? ?   ? 'X-RAY DIFFRACTION' 
r_chiral_restr               0.102 0.200  ? 36  ? 'X-RAY DIFFRACTION' 
r_gen_planes_refined         0.014 0.020  ? 153 ? 'X-RAY DIFFRACTION' 
r_gen_planes_other           0.002 0.020  ? 66  ? 'X-RAY DIFFRACTION' 
r_nbd_refined                ?     ?      ? ?   ? 'X-RAY DIFFRACTION' 
r_nbd_other                  ?     ?      ? ?   ? 'X-RAY DIFFRACTION' 
r_nbtor_refined              ?     ?      ? ?   ? 'X-RAY DIFFRACTION' 
r_nbtor_other                ?     ?      ? ?   ? 'X-RAY DIFFRACTION' 
r_xyhbond_nbd_refined        ?     ?      ? ?   ? 'X-RAY DIFFRACTION' 
r_xyhbond_nbd_other          ?     ?      ? ?   ? 'X-RAY DIFFRACTION' 
r_metal_ion_refined          ?     ?      ? ?   ? 'X-RAY DIFFRACTION' 
r_metal_ion_other            ?     ?      ? ?   ? 'X-RAY DIFFRACTION' 
r_symmetry_vdw_refined       ?     ?      ? ?   ? 'X-RAY DIFFRACTION' 
r_symmetry_vdw_other         ?     ?      ? ?   ? 'X-RAY DIFFRACTION' 
r_symmetry_hbond_refined     ?     ?      ? ?   ? 'X-RAY DIFFRACTION' 
r_symmetry_hbond_other       ?     ?      ? ?   ? 'X-RAY DIFFRACTION' 
r_symmetry_metal_ion_refined ?     ?      ? ?   ? 'X-RAY DIFFRACTION' 
r_symmetry_metal_ion_other   ?     ?      ? ?   ? 'X-RAY DIFFRACTION' 
r_mcbond_it                  ?     ?      ? ?   ? 'X-RAY DIFFRACTION' 
r_mcbond_other               ?     ?      ? ?   ? 'X-RAY DIFFRACTION' 
r_mcangle_it                 ?     ?      ? ?   ? 'X-RAY DIFFRACTION' 
r_mcangle_other              ?     ?      ? ?   ? 'X-RAY DIFFRACTION' 
r_scbond_it                  3.087 4.278  ? 286 ? 'X-RAY DIFFRACTION' 
r_scbond_other               3.070 4.260  ? 284 ? 'X-RAY DIFFRACTION' 
r_scangle_it                 ?     ?      ? ?   ? 'X-RAY DIFFRACTION' 
r_scangle_other              4.964 6.438  ? 440 ? 'X-RAY DIFFRACTION' 
r_long_range_B_refined       6.638 39.890 ? 415 ? 'X-RAY DIFFRACTION' 
r_long_range_B_other         6.631 39.782 ? 415 ? 'X-RAY DIFFRACTION' 
r_rigid_bond_restr           ?     ?      ? ?   ? 'X-RAY DIFFRACTION' 
r_sphericity_free            ?     ?      ? ?   ? 'X-RAY DIFFRACTION' 
r_sphericity_bonded          ?     ?      ? ?   ? 'X-RAY DIFFRACTION' 
# 
_refine_ls_shell.pdbx_total_number_of_bins_used   20 
_refine_ls_shell.d_res_high                       2.160 
_refine_ls_shell.d_res_low                        2.216 
_refine_ls_shell.number_reflns_R_work             170 
_refine_ls_shell.R_factor_R_work                  0.492 
_refine_ls_shell.percent_reflns_obs               95.43 
_refine_ls_shell.R_factor_R_free                  0.408 
_refine_ls_shell.R_factor_R_free_error            ? 
_refine_ls_shell.percent_reflns_R_free            ? 
_refine_ls_shell.number_reflns_R_free             18 
_refine_ls_shell.number_reflns_all                ? 
_refine_ls_shell.R_factor_all                     ? 
_refine_ls_shell.number_reflns_obs                ? 
_refine_ls_shell.redundancy_reflns_obs            ? 
_refine_ls_shell.pdbx_refine_id                   'X-RAY DIFFRACTION' 
# 
_struct.entry_id                  4ROK 
_struct.title                     'Sequence and structure of a self-assembled 3-D DNA crystal: D(GGACAGCTGGGAG)' 
_struct.pdbx_model_details        ? 
_struct.pdbx_CASP_flag            ? 
_struct.pdbx_model_type_details   ? 
# 
_struct_keywords.entry_id        4ROK 
_struct_keywords.pdbx_keywords   DNA 
_struct_keywords.text            'Self-assembling 3D DNA crystal, DNA' 
# 
loop_
_struct_asym.id 
_struct_asym.pdbx_blank_PDB_chainid_flag 
_struct_asym.pdbx_modified 
_struct_asym.entity_id 
_struct_asym.details 
A N N 1 ? 
B N N 2 ? 
C N N 3 ? 
# 
_struct_biol.id        1 
_struct_biol.details   ? 
# 
loop_
_struct_conn.id 
_struct_conn.conn_type_id 
_struct_conn.pdbx_leaving_atom_flag 
_struct_conn.pdbx_PDB_id 
_struct_conn.ptnr1_label_asym_id 
_struct_conn.ptnr1_label_comp_id 
_struct_conn.ptnr1_label_seq_id 
_struct_conn.ptnr1_label_atom_id 
_struct_conn.pdbx_ptnr1_label_alt_id 
_struct_conn.pdbx_ptnr1_PDB_ins_code 
_struct_conn.pdbx_ptnr1_standard_comp_id 
_struct_conn.ptnr1_symmetry 
_struct_conn.ptnr2_label_asym_id 
_struct_conn.ptnr2_label_comp_id 
_struct_conn.ptnr2_label_seq_id 
_struct_conn.ptnr2_label_atom_id 
_struct_conn.pdbx_ptnr2_label_alt_id 
_struct_conn.pdbx_ptnr2_PDB_ins_code 
_struct_conn.ptnr1_auth_asym_id 
_struct_conn.ptnr1_auth_comp_id 
_struct_conn.ptnr1_auth_seq_id 
_struct_conn.ptnr2_auth_asym_id 
_struct_conn.ptnr2_auth_comp_id 
_struct_conn.ptnr2_auth_seq_id 
_struct_conn.ptnr2_symmetry 
_struct_conn.pdbx_ptnr3_label_atom_id 
_struct_conn.pdbx_ptnr3_label_seq_id 
_struct_conn.pdbx_ptnr3_label_comp_id 
_struct_conn.pdbx_ptnr3_label_asym_id 
_struct_conn.pdbx_ptnr3_label_alt_id 
_struct_conn.pdbx_ptnr3_PDB_ins_code 
_struct_conn.details 
_struct_conn.pdbx_dist_value 
_struct_conn.pdbx_value_order 
_struct_conn.pdbx_role 
metalc1  metalc ? ? B MG . MG ? ? ? 1_555 C HOH . O  ? ? A MG 101 A HOH 202 1_555 ? ? ? ? ? ? ?            2.436 ? ? 
metalc2  metalc ? ? B MG . MG ? ? ? 1_555 C HOH . O  ? ? A MG 101 A HOH 203 1_555 ? ? ? ? ? ? ?            2.073 ? ? 
hydrog1  hydrog ? ? A DC 4 N3 ? ? ? 1_555 A DG  9 N1 ? ? A DC 4   A DG  9   4_545 ? ? ? ? ? ? WATSON-CRICK ?     ? ? 
hydrog2  hydrog ? ? A DC 4 N4 ? ? ? 1_555 A DG  9 O6 ? ? A DC 4   A DG  9   4_545 ? ? ? ? ? ? WATSON-CRICK ?     ? ? 
hydrog3  hydrog ? ? A DC 4 O2 ? ? ? 1_555 A DG  9 N2 ? ? A DC 4   A DG  9   4_545 ? ? ? ? ? ? WATSON-CRICK ?     ? ? 
hydrog4  hydrog ? ? A DA 5 N1 ? ? ? 1_555 A DT  8 N3 ? ? A DA 5   A DT  8   4_545 ? ? ? ? ? ? WATSON-CRICK ?     ? ? 
hydrog5  hydrog ? ? A DA 5 N6 ? ? ? 1_555 A DT  8 O4 ? ? A DA 5   A DT  8   4_545 ? ? ? ? ? ? WATSON-CRICK ?     ? ? 
hydrog6  hydrog ? ? A DG 6 N1 ? ? ? 1_555 A DC  7 N3 ? ? A DG 6   A DC  7   4_545 ? ? ? ? ? ? WATSON-CRICK ?     ? ? 
hydrog7  hydrog ? ? A DG 6 N2 ? ? ? 1_555 A DC  7 O2 ? ? A DG 6   A DC  7   4_545 ? ? ? ? ? ? WATSON-CRICK ?     ? ? 
hydrog8  hydrog ? ? A DG 6 O6 ? ? ? 1_555 A DC  7 N4 ? ? A DG 6   A DC  7   4_545 ? ? ? ? ? ? WATSON-CRICK ?     ? ? 
hydrog9  hydrog ? ? A DC 7 N3 ? ? ? 1_555 A DG  6 N1 ? ? A DC 7   A DG  6   4_545 ? ? ? ? ? ? WATSON-CRICK ?     ? ? 
hydrog10 hydrog ? ? A DC 7 N4 ? ? ? 1_555 A DG  6 O6 ? ? A DC 7   A DG  6   4_545 ? ? ? ? ? ? WATSON-CRICK ?     ? ? 
hydrog11 hydrog ? ? A DC 7 O2 ? ? ? 1_555 A DG  6 N2 ? ? A DC 7   A DG  6   4_545 ? ? ? ? ? ? WATSON-CRICK ?     ? ? 
hydrog12 hydrog ? ? A DT 8 N3 ? ? ? 1_555 A DA  5 N1 ? ? A DT 8   A DA  5   4_545 ? ? ? ? ? ? WATSON-CRICK ?     ? ? 
hydrog13 hydrog ? ? A DT 8 O4 ? ? ? 1_555 A DA  5 N6 ? ? A DT 8   A DA  5   4_545 ? ? ? ? ? ? WATSON-CRICK ?     ? ? 
hydrog14 hydrog ? ? A DG 9 N1 ? ? ? 1_555 A DC  4 N3 ? ? A DG 9   A DC  4   4_545 ? ? ? ? ? ? WATSON-CRICK ?     ? ? 
hydrog15 hydrog ? ? A DG 9 N2 ? ? ? 1_555 A DC  4 O2 ? ? A DG 9   A DC  4   4_545 ? ? ? ? ? ? WATSON-CRICK ?     ? ? 
hydrog16 hydrog ? ? A DG 9 O6 ? ? ? 1_555 A DC  4 N4 ? ? A DG 9   A DC  4   4_545 ? ? ? ? ? ? WATSON-CRICK ?     ? ? 
# 
loop_
_struct_conn_type.id 
_struct_conn_type.criteria 
_struct_conn_type.reference 
metalc ? ? 
hydrog ? ? 
# 
_struct_site.id                   AC1 
_struct_site.pdbx_evidence_code   Software 
_struct_site.pdbx_auth_asym_id    A 
_struct_site.pdbx_auth_comp_id    MG 
_struct_site.pdbx_auth_seq_id     101 
_struct_site.pdbx_auth_ins_code   ? 
_struct_site.pdbx_num_residues    3 
_struct_site.details              'BINDING SITE FOR RESIDUE MG A 101' 
# 
loop_
_struct_site_gen.id 
_struct_site_gen.site_id 
_struct_site_gen.pdbx_num_res 
_struct_site_gen.label_comp_id 
_struct_site_gen.label_asym_id 
_struct_site_gen.label_seq_id 
_struct_site_gen.pdbx_auth_ins_code 
_struct_site_gen.auth_comp_id 
_struct_site_gen.auth_asym_id 
_struct_site_gen.auth_seq_id 
_struct_site_gen.label_atom_id 
_struct_site_gen.label_alt_id 
_struct_site_gen.symmetry 
_struct_site_gen.details 
1 AC1 3 DA  A 12 ? DA  A 12  . ? 2_545 ? 
2 AC1 3 HOH C .  ? HOH A 202 . ? 1_555 ? 
3 AC1 3 HOH C .  ? HOH A 203 . ? 1_555 ? 
# 
_atom_sites.entry_id                    4ROK 
_atom_sites.fract_transf_matrix[1][1]   -0.01190301 
_atom_sites.fract_transf_matrix[1][2]   -0.01253470 
_atom_sites.fract_transf_matrix[1][3]   -0.02254918 
_atom_sites.fract_transf_matrix[2][1]   -0.02489973 
_atom_sites.fract_transf_matrix[2][2]   0.00937532 
_atom_sites.fract_transf_matrix[2][3]   -0.00996737 
_atom_sites.fract_transf_matrix[3][1]   0.00925503 
_atom_sites.fract_transf_matrix[3][2]   0.01218508 
_atom_sites.fract_transf_matrix[3][3]   -0.01165892 
_atom_sites.fract_transf_vector[1]      0.063929 
_atom_sites.fract_transf_vector[2]      -0.418124 
_atom_sites.fract_transf_vector[3]      -0.229023 
# 
loop_
_atom_type.symbol 
C  
MG 
N  
O  
P  
# 
loop_
_atom_site.group_PDB 
_atom_site.id 
_atom_site.type_symbol 
_atom_site.label_atom_id 
_atom_site.label_alt_id 
_atom_site.label_comp_id 
_atom_site.label_asym_id 
_atom_site.label_entity_id 
_atom_site.label_seq_id 
_atom_site.pdbx_PDB_ins_code 
_atom_site.Cartn_x 
_atom_site.Cartn_y 
_atom_site.Cartn_z 
_atom_site.occupancy 
_atom_site.B_iso_or_equiv 
_atom_site.pdbx_formal_charge 
_atom_site.auth_seq_id 
_atom_site.auth_comp_id 
_atom_site.auth_asym_id 
_atom_site.auth_atom_id 
_atom_site.pdbx_PDB_model_num 
ATOM   1   O  "O5'" . DG  A 1 1  ? 15.350  17.242  -1.700  1.00 67.13  ? 1   DG  A "O5'" 1 
ATOM   2   C  "C5'" . DG  A 1 1  ? 15.869  17.141  -0.339  1.00 68.91  ? 1   DG  A "C5'" 1 
ATOM   3   C  "C4'" . DG  A 1 1  ? 15.268  15.906  0.288   1.00 67.88  ? 1   DG  A "C4'" 1 
ATOM   4   O  "O4'" . DG  A 1 1  ? 13.829  15.937  0.492   1.00 66.01  ? 1   DG  A "O4'" 1 
ATOM   5   C  "C3'" . DG  A 1 1  ? 15.584  14.555  -0.343  1.00 67.14  ? 1   DG  A "C3'" 1 
ATOM   6   O  "O3'" . DG  A 1 1  ? 15.825  13.587  0.681   1.00 69.24  ? 1   DG  A "O3'" 1 
ATOM   7   C  "C2'" . DG  A 1 1  ? 14.316  14.289  -1.135  1.00 62.94  ? 1   DG  A "C2'" 1 
ATOM   8   C  "C1'" . DG  A 1 1  ? 13.253  14.801  -0.157  1.00 60.86  ? 1   DG  A "C1'" 1 
ATOM   9   N  N9    . DG  A 1 1  ? 11.976  15.207  -0.738  1.00 57.71  ? 1   DG  A N9    1 
ATOM   10  C  C8    . DG  A 1 1  ? 10.731  14.723  -0.424  1.00 54.60  ? 1   DG  A C8    1 
ATOM   11  N  N7    . DG  A 1 1  ? 9.777   15.263  -1.133  1.00 53.09  ? 1   DG  A N7    1 
ATOM   12  C  C5    . DG  A 1 1  ? 10.428  16.184  -1.939  1.00 55.78  ? 1   DG  A C5    1 
ATOM   13  C  C6    . DG  A 1 1  ? 9.913   17.098  -2.894  1.00 57.12  ? 1   DG  A C6    1 
ATOM   14  O  O6    . DG  A 1 1  ? 8.742   17.258  -3.255  1.00 59.16  ? 1   DG  A O6    1 
ATOM   15  N  N1    . DG  A 1 1  ? 10.923  17.846  -3.478  1.00 58.16  ? 1   DG  A N1    1 
ATOM   16  C  C2    . DG  A 1 1  ? 12.255  17.730  -3.187  1.00 61.23  ? 1   DG  A C2    1 
ATOM   17  N  N2    . DG  A 1 1  ? 13.073  18.551  -3.851  1.00 68.59  ? 1   DG  A N2    1 
ATOM   18  N  N3    . DG  A 1 1  ? 12.749  16.897  -2.289  1.00 59.79  ? 1   DG  A N3    1 
ATOM   19  C  C4    . DG  A 1 1  ? 11.788  16.155  -1.713  1.00 57.53  ? 1   DG  A C4    1 
ATOM   20  P  P     . DG  A 1 2  ? 16.270  12.081  0.280   1.00 72.53  ? 2   DG  A P     1 
ATOM   21  O  OP1   . DG  A 1 2  ? 16.878  11.444  1.503   1.00 75.59  ? 2   DG  A OP1   1 
ATOM   22  O  OP2   . DG  A 1 2  ? 17.015  12.130  -1.011  1.00 74.18  ? 2   DG  A OP2   1 
ATOM   23  O  "O5'" . DG  A 1 2  ? 14.897  11.360  -0.151  1.00 68.30  ? 2   DG  A "O5'" 1 
ATOM   24  C  "C5'" . DG  A 1 2  ? 13.828  11.057  0.782   1.00 61.55  ? 2   DG  A "C5'" 1 
ATOM   25  C  "C4'" . DG  A 1 2  ? 12.636  10.490  0.046   1.00 57.91  ? 2   DG  A "C4'" 1 
ATOM   26  O  "O4'" . DG  A 1 2  ? 11.972  11.487  -0.765  1.00 54.82  ? 2   DG  A "O4'" 1 
ATOM   27  C  "C3'" . DG  A 1 2  ? 12.951  9.327   -0.902  1.00 57.10  ? 2   DG  A "C3'" 1 
ATOM   28  O  "O3'" . DG  A 1 2  ? 11.935  8.315   -0.750  1.00 59.28  ? 2   DG  A "O3'" 1 
ATOM   29  C  "C2'" . DG  A 1 2  ? 12.875  9.959   -2.276  1.00 54.46  ? 2   DG  A "C2'" 1 
ATOM   30  C  "C1'" . DG  A 1 2  ? 11.762  10.945  -2.059  1.00 52.39  ? 2   DG  A "C1'" 1 
ATOM   31  N  N9    . DG  A 1 2  ? 11.755  12.046  -3.008  1.00 52.97  ? 2   DG  A N9    1 
ATOM   32  C  C8    . DG  A 1 2  ? 12.825  12.650  -3.628  1.00 51.59  ? 2   DG  A C8    1 
ATOM   33  N  N7    . DG  A 1 2  ? 12.466  13.602  -4.443  1.00 52.71  ? 2   DG  A N7    1 
ATOM   34  C  C5    . DG  A 1 2  ? 11.085  13.650  -4.329  1.00 52.44  ? 2   DG  A C5    1 
ATOM   35  C  C6    . DG  A 1 2  ? 10.140  14.486  -4.968  1.00 55.00  ? 2   DG  A C6    1 
ATOM   36  O  O6    . DG  A 1 2  ? 10.344  15.381  -5.792  1.00 61.32  ? 2   DG  A O6    1 
ATOM   37  N  N1    . DG  A 1 2  ? 8.837   14.161  -4.600  1.00 51.76  ? 2   DG  A N1    1 
ATOM   38  C  C2    . DG  A 1 2  ? 8.494   13.160  -3.724  1.00 47.74  ? 2   DG  A C2    1 
ATOM   39  N  N2    . DG  A 1 2  ? 7.195   13.013  -3.472  1.00 47.65  ? 2   DG  A N2    1 
ATOM   40  N  N3    . DG  A 1 2  ? 9.365   12.384  -3.117  1.00 47.35  ? 2   DG  A N3    1 
ATOM   41  C  C4    . DG  A 1 2  ? 10.631  12.668  -3.477  1.00 49.59  ? 2   DG  A C4    1 
ATOM   42  P  P     . DA  A 1 3  ? 12.363  6.810   -0.333  1.00 59.74  ? 3   DA  A P     1 
ATOM   43  O  OP1   . DA  A 1 3  ? 13.403  6.887   0.760   1.00 62.98  ? 3   DA  A OP1   1 
ATOM   44  O  OP2   . DA  A 1 3  ? 12.630  6.038   -1.584  1.00 61.19  ? 3   DA  A OP2   1 
ATOM   45  O  "O5'" . DA  A 1 3  ? 11.049  6.295   0.389   1.00 61.86  ? 3   DA  A "O5'" 1 
ATOM   46  C  "C5'" . DA  A 1 3  ? 10.378  7.116   1.362   1.00 61.81  ? 3   DA  A "C5'" 1 
ATOM   47  C  "C4'" . DA  A 1 3  ? 9.068   6.457   1.726   1.00 59.51  ? 3   DA  A "C4'" 1 
ATOM   48  O  "O4'" . DA  A 1 3  ? 8.045   6.908   0.805   1.00 55.04  ? 3   DA  A "O4'" 1 
ATOM   49  C  "C3'" . DA  A 1 3  ? 9.053   4.933   1.612   1.00 59.06  ? 3   DA  A "C3'" 1 
ATOM   50  O  "O3'" . DA  A 1 3  ? 8.054   4.410   2.526   1.00 63.47  ? 3   DA  A "O3'" 1 
ATOM   51  C  "C2'" . DA  A 1 3  ? 8.692   4.732   0.144   1.00 55.49  ? 3   DA  A "C2'" 1 
ATOM   52  C  "C1'" . DA  A 1 3  ? 7.697   5.867   -0.112  1.00 52.69  ? 3   DA  A "C1'" 1 
ATOM   53  N  N9    . DA  A 1 3  ? 7.618   6.478   -1.442  1.00 47.54  ? 3   DA  A N9    1 
ATOM   54  C  C8    . DA  A 1 3  ? 8.578   7.243   -2.061  1.00 49.35  ? 3   DA  A C8    1 
ATOM   55  N  N7    . DA  A 1 3  ? 8.201   7.730   -3.220  1.00 47.74  ? 3   DA  A N7    1 
ATOM   56  C  C5    . DA  A 1 3  ? 6.877   7.332   -3.332  1.00 47.31  ? 3   DA  A C5    1 
ATOM   57  C  C6    . DA  A 1 3  ? 5.898   7.581   -4.304  1.00 47.12  ? 3   DA  A C6    1 
ATOM   58  N  N6    . DA  A 1 3  ? 6.125   8.296   -5.404  1.00 49.65  ? 3   DA  A N6    1 
ATOM   59  N  N1    . DA  A 1 3  ? 4.688   6.999   -4.146  1.00 46.26  ? 3   DA  A N1    1 
ATOM   60  C  C2    . DA  A 1 3  ? 4.467   6.278   -3.037  1.00 48.11  ? 3   DA  A C2    1 
ATOM   61  N  N3    . DA  A 1 3  ? 5.299   6.006   -2.029  1.00 48.03  ? 3   DA  A N3    1 
ATOM   62  C  C4    . DA  A 1 3  ? 6.500   6.570   -2.237  1.00 48.17  ? 3   DA  A C4    1 
ATOM   63  P  P     . DC  A 1 4  ? 8.436   3.898   4.053   1.00 64.31  ? 4   DC  A P     1 
ATOM   64  O  OP1   . DC  A 1 4  ? 7.158   3.713   4.820   1.00 69.89  ? 4   DC  A OP1   1 
ATOM   65  O  OP2   . DC  A 1 4  ? 9.496   4.765   4.634   1.00 64.84  ? 4   DC  A OP2   1 
ATOM   66  O  "O5'" . DC  A 1 4  ? 8.886   2.380   3.782   1.00 67.91  ? 4   DC  A "O5'" 1 
ATOM   67  C  "C5'" . DC  A 1 4  ? 10.097  2.109   3.095   1.00 68.47  ? 4   DC  A "C5'" 1 
ATOM   68  C  "C4'" . DC  A 1 4  ? 10.726  0.823   3.564   1.00 71.87  ? 4   DC  A "C4'" 1 
ATOM   69  O  "O4'" . DC  A 1 4  ? 10.733  0.700   5.015   1.00 72.50  ? 4   DC  A "O4'" 1 
ATOM   70  C  "C3'" . DC  A 1 4  ? 10.038  -0.420  3.018   1.00 72.35  ? 4   DC  A "C3'" 1 
ATOM   71  O  "O3'" . DC  A 1 4  ? 11.027  -1.383  2.640   1.00 82.46  ? 4   DC  A "O3'" 1 
ATOM   72  C  "C2'" . DC  A 1 4  ? 9.259   -0.937  4.205   1.00 71.72  ? 4   DC  A "C2'" 1 
ATOM   73  C  "C1'" . DC  A 1 4  ? 10.065  -0.489  5.407   1.00 72.29  ? 4   DC  A "C1'" 1 
ATOM   74  N  N1    . DC  A 1 4  ? 9.142   -0.159  6.496   1.00 69.38  ? 4   DC  A N1    1 
ATOM   75  C  C2    . DC  A 1 4  ? 8.554   -1.207  7.215   1.00 69.26  ? 4   DC  A C2    1 
ATOM   76  O  O2    . DC  A 1 4  ? 8.911   -2.373  6.981   1.00 69.01  ? 4   DC  A O2    1 
ATOM   77  N  N3    . DC  A 1 4  ? 7.626   -0.920  8.152   1.00 69.36  ? 4   DC  A N3    1 
ATOM   78  C  C4    . DC  A 1 4  ? 7.287   0.349   8.388   1.00 68.61  ? 4   DC  A C4    1 
ATOM   79  N  N4    . DC  A 1 4  ? 6.396   0.590   9.350   1.00 71.59  ? 4   DC  A N4    1 
ATOM   80  C  C5    . DC  A 1 4  ? 7.844   1.429   7.647   1.00 66.73  ? 4   DC  A C5    1 
ATOM   81  C  C6    . DC  A 1 4  ? 8.733   1.130   6.695   1.00 66.04  ? 4   DC  A C6    1 
ATOM   82  P  P     . DA  A 1 5  ? 11.056  -1.998  1.155   1.00 86.25  ? 5   DA  A P     1 
ATOM   83  O  OP1   . DA  A 1 5  ? 12.281  -1.454  0.502   1.00 87.91  ? 5   DA  A OP1   1 
ATOM   84  O  OP2   . DA  A 1 5  ? 9.702   -1.814  0.543   1.00 84.85  ? 5   DA  A OP2   1 
ATOM   85  O  "O5'" . DA  A 1 5  ? 11.132  -3.575  1.387   1.00 91.95  ? 5   DA  A "O5'" 1 
ATOM   86  C  "C5'" . DA  A 1 5  ? 10.860  -4.173  2.678   1.00 96.81  ? 5   DA  A "C5'" 1 
ATOM   87  C  "C4'" . DA  A 1 5  ? 9.875   -5.317  2.583   1.00 99.00  ? 5   DA  A "C4'" 1 
ATOM   88  O  "O4'" . DA  A 1 5  ? 8.735   -5.076  3.445   1.00 95.04  ? 5   DA  A "O4'" 1 
ATOM   89  C  "C3'" . DA  A 1 5  ? 9.280   -5.605  1.206   1.00 99.37  ? 5   DA  A "C3'" 1 
ATOM   90  O  "O3'" . DA  A 1 5  ? 9.196   -7.047  1.208   1.00 110.93 ? 5   DA  A "O3'" 1 
ATOM   91  C  "C2'" . DA  A 1 5  ? 8.013   -4.750  1.204   1.00 89.73  ? 5   DA  A "C2'" 1 
ATOM   92  C  "C1'" . DA  A 1 5  ? 7.571   -4.764  2.673   1.00 86.45  ? 5   DA  A "C1'" 1 
ATOM   93  N  N9    . DA  A 1 5  ? 6.957   -3.563  3.264   1.00 75.14  ? 5   DA  A N9    1 
ATOM   94  C  C8    . DA  A 1 5  ? 6.905   -2.259  2.835   1.00 71.41  ? 5   DA  A C8    1 
ATOM   95  N  N7    . DA  A 1 5  ? 6.291   -1.451  3.670   1.00 68.65  ? 5   DA  A N7    1 
ATOM   96  C  C5    . DA  A 1 5  ? 5.917   -2.280  4.719   1.00 68.21  ? 5   DA  A C5    1 
ATOM   97  C  C6    . DA  A 1 5  ? 5.224   -2.038  5.922   1.00 65.88  ? 5   DA  A C6    1 
ATOM   98  N  N6    . DA  A 1 5  ? 4.776   -0.841  6.301   1.00 64.39  ? 5   DA  A N6    1 
ATOM   99  N  N1    . DA  A 1 5  ? 4.981   -3.091  6.724   1.00 70.01  ? 5   DA  A N1    1 
ATOM   100 C  C2    . DA  A 1 5  ? 5.443   -4.297  6.363   1.00 74.20  ? 5   DA  A C2    1 
ATOM   101 N  N3    . DA  A 1 5  ? 6.113   -4.648  5.271   1.00 73.58  ? 5   DA  A N3    1 
ATOM   102 C  C4    . DA  A 1 5  ? 6.317   -3.583  4.479   1.00 72.50  ? 5   DA  A C4    1 
ATOM   103 P  P     . DG  A 1 6  ? 8.642   -7.900  -0.054  1.00 116.22 ? 6   DG  A P     1 
ATOM   104 O  OP1   . DG  A 1 6  ? 9.649   -8.993  -0.340  1.00 116.71 ? 6   DG  A OP1   1 
ATOM   105 O  OP2   . DG  A 1 6  ? 8.230   -6.931  -1.124  1.00 108.11 ? 6   DG  A OP2   1 
ATOM   106 O  "O5'" . DG  A 1 6  ? 7.315   -8.568  0.539   1.00 108.08 ? 6   DG  A "O5'" 1 
ATOM   107 C  "C5'" . DG  A 1 6  ? 7.337   -9.276  1.804   1.00 107.86 ? 6   DG  A "C5'" 1 
ATOM   108 C  "C4'" . DG  A 1 6  ? 5.947   -9.366  2.387   1.00 102.67 ? 6   DG  A "C4'" 1 
ATOM   109 O  "O4'" . DG  A 1 6  ? 5.536   -8.068  2.878   1.00 95.73  ? 6   DG  A "O4'" 1 
ATOM   110 C  "C3'" . DG  A 1 6  ? 4.893   -9.795  1.367   1.00 100.71 ? 6   DG  A "C3'" 1 
ATOM   111 O  "O3'" . DG  A 1 6  ? 4.179   -10.934 1.831   1.00 106.84 ? 6   DG  A "O3'" 1 
ATOM   112 C  "C2'" . DG  A 1 6  ? 4.010   -8.570  1.185   1.00 92.81  ? 6   DG  A "C2'" 1 
ATOM   113 C  "C1'" . DG  A 1 6  ? 4.203   -7.799  2.472   1.00 89.11  ? 6   DG  A "C1'" 1 
ATOM   114 N  N9    . DG  A 1 6  ? 4.056   -6.353  2.340   1.00 76.26  ? 6   DG  A N9    1 
ATOM   115 C  C8    . DG  A 1 6  ? 4.567   -5.553  1.347   1.00 71.09  ? 6   DG  A C8    1 
ATOM   116 N  N7    . DG  A 1 6  ? 4.274   -4.290  1.507   1.00 68.30  ? 6   DG  A N7    1 
ATOM   117 C  C5    . DG  A 1 6  ? 3.526   -4.254  2.677   1.00 66.86  ? 6   DG  A C5    1 
ATOM   118 C  C6    . DG  A 1 6  ? 2.938   -3.150  3.370   1.00 63.85  ? 6   DG  A C6    1 
ATOM   119 O  O6    . DG  A 1 6  ? 2.953   -1.945  3.066   1.00 61.09  ? 6   DG  A O6    1 
ATOM   120 N  N1    . DG  A 1 6  ? 2.275   -3.565  4.521   1.00 62.89  ? 6   DG  A N1    1 
ATOM   121 C  C2    . DG  A 1 6  ? 2.171   -4.867  4.944   1.00 66.39  ? 6   DG  A C2    1 
ATOM   122 N  N2    . DG  A 1 6  ? 1.480   -5.064  6.069   1.00 69.72  ? 6   DG  A N2    1 
ATOM   123 N  N3    . DG  A 1 6  ? 2.725   -5.898  4.322   1.00 70.07  ? 6   DG  A N3    1 
ATOM   124 C  C4    . DG  A 1 6  ? 3.380   -5.520  3.201   1.00 70.83  ? 6   DG  A C4    1 
ATOM   125 P  P     . DC  A 1 7  ? 2.886   -11.414 1.033   1.00 106.69 ? 7   DC  A P     1 
ATOM   126 O  OP1   . DC  A 1 7  ? 2.881   -12.898 1.050   1.00 114.24 ? 7   DC  A OP1   1 
ATOM   127 O  OP2   . DC  A 1 7  ? 2.812   -10.680 -0.260  1.00 101.69 ? 7   DC  A OP2   1 
ATOM   128 O  "O5'" . DC  A 1 7  ? 1.699   -10.794 1.894   1.00 101.96 ? 7   DC  A "O5'" 1 
ATOM   129 C  "C5'" . DC  A 1 7  ? 1.619   -11.024 3.313   1.00 103.20 ? 7   DC  A "C5'" 1 
ATOM   130 C  "C4'" . DC  A 1 7  ? 0.383   -10.348 3.857   1.00 100.31 ? 7   DC  A "C4'" 1 
ATOM   131 O  "O4'" . DC  A 1 7  ? 0.541   -8.914  3.737   1.00 91.25  ? 7   DC  A "O4'" 1 
ATOM   132 C  "C3'" . DC  A 1 7  ? -0.917  -10.699 3.124   1.00 99.20  ? 7   DC  A "C3'" 1 
ATOM   133 O  "O3'" . DC  A 1 7  ? -1.916  -11.070 4.082   1.00 107.89 ? 7   DC  A "O3'" 1 
ATOM   134 C  "C2'" . DC  A 1 7  ? -1.252  -9.431  2.353   1.00 90.54  ? 7   DC  A "C2'" 1 
ATOM   135 C  "C1'" . DC  A 1 7  ? -0.646  -8.351  3.223   1.00 84.92  ? 7   DC  A "C1'" 1 
ATOM   136 N  N1    . DC  A 1 7  ? -0.282  -7.109  2.533   1.00 75.08  ? 7   DC  A N1    1 
ATOM   137 C  C2    . DC  A 1 7  ? -0.746  -5.901  3.060   1.00 71.17  ? 7   DC  A C2    1 
ATOM   138 O  O2    . DC  A 1 7  ? -1.474  -5.928  4.063   1.00 75.09  ? 7   DC  A O2    1 
ATOM   139 N  N3    . DC  A 1 7  ? -0.387  -4.737  2.471   1.00 66.01  ? 7   DC  A N3    1 
ATOM   140 C  C4    . DC  A 1 7  ? 0.413   -4.752  1.400   1.00 66.96  ? 7   DC  A C4    1 
ATOM   141 N  N4    . DC  A 1 7  ? 0.736   -3.580  0.844   1.00 62.28  ? 7   DC  A N4    1 
ATOM   142 C  C5    . DC  A 1 7  ? 0.915   -5.971  0.849   1.00 69.87  ? 7   DC  A C5    1 
ATOM   143 C  C6    . DC  A 1 7  ? 0.553   -7.115  1.448   1.00 72.92  ? 7   DC  A C6    1 
ATOM   144 P  P     . DT  A 1 8  ? -3.415  -11.514 3.615   1.00 113.90 ? 8   DT  A P     1 
ATOM   145 O  OP1   . DT  A 1 8  ? -3.826  -12.663 4.478   1.00 116.04 ? 8   DT  A OP1   1 
ATOM   146 O  OP2   . DT  A 1 8  ? -3.457  -11.619 2.117   1.00 102.92 ? 8   DT  A OP2   1 
ATOM   147 O  "O5'" . DT  A 1 8  ? -4.302  -10.271 4.063   1.00 105.15 ? 8   DT  A "O5'" 1 
ATOM   148 C  "C5'" . DT  A 1 8  ? -3.995  -9.549  5.277   1.00 102.14 ? 8   DT  A "C5'" 1 
ATOM   149 C  "C4'" . DT  A 1 8  ? -5.051  -8.492  5.482   1.00 95.27  ? 8   DT  A "C4'" 1 
ATOM   150 O  "O4'" . DT  A 1 8  ? -4.678  -7.276  4.790   1.00 86.87  ? 8   DT  A "O4'" 1 
ATOM   151 C  "C3'" . DT  A 1 8  ? -6.393  -8.910  4.900   1.00 93.59  ? 8   DT  A "C3'" 1 
ATOM   152 O  "O3'" . DT  A 1 8  ? -7.402  -8.566  5.840   1.00 100.38 ? 8   DT  A "O3'" 1 
ATOM   153 C  "C2'" . DT  A 1 8  ? -6.448  -8.206  3.554   1.00 84.86  ? 8   DT  A "C2'" 1 
ATOM   154 C  "C1'" . DT  A 1 8  ? -5.629  -6.944  3.779   1.00 78.91  ? 8   DT  A "C1'" 1 
ATOM   155 N  N1    . DT  A 1 8  ? -4.872  -6.437  2.612   1.00 67.45  ? 8   DT  A N1    1 
ATOM   156 C  C2    . DT  A 1 8  ? -4.685  -5.080  2.462   1.00 64.35  ? 8   DT  A C2    1 
ATOM   157 O  O2    . DT  A 1 8  ? -5.192  -4.246  3.198   1.00 66.74  ? 8   DT  A O2    1 
ATOM   158 N  N3    . DT  A 1 8  ? -3.909  -4.728  1.384   1.00 58.23  ? 8   DT  A N3    1 
ATOM   159 C  C4    . DT  A 1 8  ? -3.299  -5.578  0.481   1.00 58.54  ? 8   DT  A C4    1 
ATOM   160 O  O4    . DT  A 1 8  ? -2.640  -5.117  -0.448  1.00 60.06  ? 8   DT  A O4    1 
ATOM   161 C  C5    . DT  A 1 8  ? -3.528  -6.978  0.706   1.00 62.76  ? 8   DT  A C5    1 
ATOM   162 C  C7    . DT  A 1 8  ? -2.912  -7.970  -0.229  1.00 65.93  ? 8   DT  A C7    1 
ATOM   163 C  C6    . DT  A 1 8  ? -4.286  -7.334  1.749   1.00 66.01  ? 8   DT  A C6    1 
ATOM   164 P  P     . DG  A 1 9  ? -8.926  -8.930  5.520   1.00 106.04 ? 9   DG  A P     1 
ATOM   165 O  OP1   . DG  A 1 9  ? -9.595  -9.312  6.808   1.00 111.14 ? 9   DG  A OP1   1 
ATOM   166 O  OP2   . DG  A 1 9  ? -8.958  -9.866  4.341   1.00 100.69 ? 9   DG  A OP2   1 
ATOM   167 O  "O5'" . DG  A 1 9  ? -9.494  -7.518  5.060   1.00 98.00  ? 9   DG  A "O5'" 1 
ATOM   168 C  "C5'" . DG  A 1 9  ? -9.244  -6.320  5.818   1.00 92.80  ? 9   DG  A "C5'" 1 
ATOM   169 C  "C4'" . DG  A 1 9  ? -9.800  -5.158  5.036   1.00 86.12  ? 9   DG  A "C4'" 1 
ATOM   170 O  "O4'" . DG  A 1 9  ? -8.939  -4.933  3.898   1.00 79.32  ? 9   DG  A "O4'" 1 
ATOM   171 C  "C3'" . DG  A 1 9  ? -11.183 -5.433  4.448   1.00 85.82  ? 9   DG  A "C3'" 1 
ATOM   172 O  "O3'" . DG  A 1 9  ? -11.924 -4.210  4.421   1.00 92.30  ? 9   DG  A "O3'" 1 
ATOM   173 C  "C2'" . DG  A 1 9  ? -10.866 -5.945  3.054   1.00 80.10  ? 9   DG  A "C2'" 1 
ATOM   174 C  "C1'" . DG  A 1 9  ? -9.703  -5.036  2.702   1.00 74.28  ? 9   DG  A "C1'" 1 
ATOM   175 N  N9    . DG  A 1 9  ? -8.802  -5.452  1.632   1.00 64.78  ? 9   DG  A N9    1 
ATOM   176 C  C8    . DG  A 1 9  ? -8.504  -6.723  1.192   1.00 63.65  ? 9   DG  A C8    1 
ATOM   177 N  N7    . DG  A 1 9  ? -7.610  -6.738  0.239   1.00 60.36  ? 9   DG  A N7    1 
ATOM   178 C  C5    . DG  A 1 9  ? -7.283  -5.398  0.055   1.00 55.29  ? 9   DG  A C5    1 
ATOM   179 C  C6    . DG  A 1 9  ? -6.368  -4.783  -0.847  1.00 52.65  ? 9   DG  A C6    1 
ATOM   180 O  O6    . DG  A 1 9  ? -5.637  -5.318  -1.689  1.00 54.62  ? 9   DG  A O6    1 
ATOM   181 N  N1    . DG  A 1 9  ? -6.387  -3.396  -0.728  1.00 47.74  ? 9   DG  A N1    1 
ATOM   182 C  C2    . DG  A 1 9  ? -7.130  -2.692  0.187   1.00 49.19  ? 9   DG  A C2    1 
ATOM   183 N  N2    . DG  A 1 9  ? -6.984  -1.369  0.169   1.00 48.74  ? 9   DG  A N2    1 
ATOM   184 N  N3    . DG  A 1 9  ? -7.954  -3.250  1.057   1.00 54.12  ? 9   DG  A N3    1 
ATOM   185 C  C4    . DG  A 1 9  ? -7.998  -4.596  0.920   1.00 58.44  ? 9   DG  A C4    1 
ATOM   186 P  P     . DG  A 1 10 ? -13.506 -4.210  4.718   1.00 101.54 ? 10  DG  A P     1 
ATOM   187 O  OP1   . DG  A 1 10 ? -13.715 -3.788  6.141   1.00 103.92 ? 10  DG  A OP1   1 
ATOM   188 O  OP2   . DG  A 1 10 ? -14.069 -5.506  4.225   1.00 103.14 ? 10  DG  A OP2   1 
ATOM   189 O  "O5'" . DG  A 1 10 ? -14.041 -3.046  3.766   1.00 91.69  ? 10  DG  A "O5'" 1 
ATOM   190 C  "C5'" . DG  A 1 10 ? -13.588 -1.698  3.949   1.00 84.17  ? 10  DG  A "C5'" 1 
ATOM   191 C  "C4'" . DG  A 1 10 ? -13.359 -1.084  2.593   1.00 77.62  ? 10  DG  A "C4'" 1 
ATOM   192 O  "O4'" . DG  A 1 10 ? -12.328 -1.816  1.879   1.00 74.27  ? 10  DG  A "O4'" 1 
ATOM   193 C  "C3'" . DG  A 1 10 ? -14.598 -1.101  1.693   1.00 75.94  ? 10  DG  A "C3'" 1 
ATOM   194 O  "O3'" . DG  A 1 10 ? -14.852 0.258   1.288   1.00 76.19  ? 10  DG  A "O3'" 1 
ATOM   195 C  "C2'" . DG  A 1 10 ? -14.222 -2.087  0.594   1.00 71.31  ? 10  DG  A "C2'" 1 
ATOM   196 C  "C1'" . DG  A 1 10 ? -12.726 -1.896  0.520   1.00 67.01  ? 10  DG  A "C1'" 1 
ATOM   197 N  N9    . DG  A 1 10 ? -11.933 -2.937  -0.147  1.00 59.73  ? 10  DG  A N9    1 
ATOM   198 C  C8    . DG  A 1 10 ? -12.030 -4.309  -0.036  1.00 58.40  ? 10  DG  A C8    1 
ATOM   199 N  N7    . DG  A 1 10 ? -11.160 -4.946  -0.776  1.00 55.95  ? 10  DG  A N7    1 
ATOM   200 C  C5    . DG  A 1 10 ? -10.456 -3.936  -1.424  1.00 52.77  ? 10  DG  A C5    1 
ATOM   201 C  C6    . DG  A 1 10 ? -9.384  -4.004  -2.373  1.00 50.32  ? 10  DG  A C6    1 
ATOM   202 O  O6    . DG  A 1 10 ? -8.824  -5.007  -2.852  1.00 51.63  ? 10  DG  A O6    1 
ATOM   203 N  N1    . DG  A 1 10 ? -8.996  -2.739  -2.789  1.00 47.77  ? 10  DG  A N1    1 
ATOM   204 C  C2    . DG  A 1 10 ? -9.530  -1.556  -2.338  1.00 49.78  ? 10  DG  A C2    1 
ATOM   205 N  N2    . DG  A 1 10 ? -8.999  -0.440  -2.856  1.00 48.73  ? 10  DG  A N2    1 
ATOM   206 N  N3    . DG  A 1 10 ? -10.510 -1.472  -1.451  1.00 53.39  ? 10  DG  A N3    1 
ATOM   207 C  C4    . DG  A 1 10 ? -10.938 -2.691  -1.059  1.00 54.03  ? 10  DG  A C4    1 
ATOM   208 P  P     . DG  A 1 11 ? -16.107 0.654   0.336   1.00 76.28  ? 11  DG  A P     1 
ATOM   209 O  OP1   . DG  A 1 11 ? -16.305 2.130   0.412   1.00 82.72  ? 11  DG  A OP1   1 
ATOM   210 O  OP2   . DG  A 1 11 ? -17.240 -0.270  0.594   1.00 82.93  ? 11  DG  A OP2   1 
ATOM   211 O  "O5'" . DG  A 1 11 ? -15.533 0.370   -1.127  1.00 73.07  ? 11  DG  A "O5'" 1 
ATOM   212 C  "C5'" . DG  A 1 11 ? -14.462 1.153   -1.688  1.00 65.58  ? 11  DG  A "C5'" 1 
ATOM   213 C  "C4'" . DG  A 1 11 ? -14.198 0.714   -3.112  1.00 62.20  ? 11  DG  A "C4'" 1 
ATOM   214 O  "O4'" . DG  A 1 11 ? -13.827 -0.686  -3.129  1.00 57.39  ? 11  DG  A "O4'" 1 
ATOM   215 C  "C3'" . DG  A 1 11 ? -15.395 0.827   -4.056  1.00 63.74  ? 11  DG  A "C3'" 1 
ATOM   216 O  "O3'" . DG  A 1 11 ? -14.971 1.031   -5.407  1.00 67.07  ? 11  DG  A "O3'" 1 
ATOM   217 C  "C2'" . DG  A 1 11 ? -16.010 -0.554  -3.989  1.00 61.28  ? 11  DG  A "C2'" 1 
ATOM   218 C  "C1'" . DG  A 1 11 ? -14.777 -1.432  -3.847  1.00 55.98  ? 11  DG  A "C1'" 1 
ATOM   219 N  N9    . DG  A 1 11 ? -15.005 -2.662  -3.116  1.00 54.35  ? 11  DG  A N9    1 
ATOM   220 C  C8    . DG  A 1 11 ? -16.026 -2.955  -2.245  1.00 55.49  ? 11  DG  A C8    1 
ATOM   221 N  N7    . DG  A 1 11 ? -15.951 -4.162  -1.761  1.00 55.87  ? 11  DG  A N7    1 
ATOM   222 C  C5    . DG  A 1 11 ? -14.817 -4.699  -2.353  1.00 54.15  ? 11  DG  A C5    1 
ATOM   223 C  C6    . DG  A 1 11 ? -14.243 -5.990  -2.234  1.00 56.46  ? 11  DG  A C6    1 
ATOM   224 O  O6    . DG  A 1 11 ? -14.644 -6.955  -1.561  1.00 56.73  ? 11  DG  A O6    1 
ATOM   225 N  N1    . DG  A 1 11 ? -13.105 -6.118  -3.027  1.00 53.10  ? 11  DG  A N1    1 
ATOM   226 C  C2    . DG  A 1 11 ? -12.590 -5.129  -3.834  1.00 52.74  ? 11  DG  A C2    1 
ATOM   227 N  N2    . DG  A 1 11 ? -11.490 -5.441  -4.538  1.00 51.46  ? 11  DG  A N2    1 
ATOM   228 N  N3    . DG  A 1 11 ? -13.127 -3.930  -3.962  1.00 51.86  ? 11  DG  A N3    1 
ATOM   229 C  C4    . DG  A 1 11 ? -14.230 -3.786  -3.199  1.00 53.28  ? 11  DG  A C4    1 
ATOM   230 P  P     . DA  A 1 12 ? -15.767 2.030   -6.356  1.00 68.21  ? 12  DA  A P     1 
ATOM   231 O  OP1   . DA  A 1 12 ? -16.109 3.222   -5.524  1.00 73.02  ? 12  DA  A OP1   1 
ATOM   232 O  OP2   . DA  A 1 12 ? -16.862 1.284   -7.032  1.00 69.56  ? 12  DA  A OP2   1 
ATOM   233 O  "O5'" . DA  A 1 12 ? -14.633 2.370   -7.425  1.00 66.72  ? 12  DA  A "O5'" 1 
ATOM   234 C  "C5'" . DA  A 1 12 ? -13.466 3.145   -7.056  1.00 63.64  ? 12  DA  A "C5'" 1 
ATOM   235 C  "C4'" . DA  A 1 12 ? -12.303 2.776   -7.946  1.00 61.18  ? 12  DA  A "C4'" 1 
ATOM   236 O  "O4'" . DA  A 1 12 ? -12.002 1.373   -7.763  1.00 57.13  ? 12  DA  A "O4'" 1 
ATOM   237 C  "C3'" . DA  A 1 12 ? -12.572 2.957   -9.445  1.00 64.99  ? 12  DA  A "C3'" 1 
ATOM   238 O  "O3'" . DA  A 1 12 ? -11.403 3.393   -10.169 1.00 76.39  ? 12  DA  A "O3'" 1 
ATOM   239 C  "C2'" . DA  A 1 12 ? -12.897 1.558   -9.921  1.00 61.47  ? 12  DA  A "C2'" 1 
ATOM   240 C  "C1'" . DA  A 1 12 ? -11.988 0.729   -9.037  1.00 55.59  ? 12  DA  A "C1'" 1 
ATOM   241 N  N9    . DA  A 1 12 ? -12.390 -0.658  -8.838  1.00 51.29  ? 12  DA  A N9    1 
ATOM   242 C  C8    . DA  A 1 12 ? -13.209 -1.199  -7.878  1.00 49.21  ? 12  DA  A C8    1 
ATOM   243 N  N7    . DA  A 1 12 ? -13.347 -2.503  -7.974  1.00 50.69  ? 12  DA  A N7    1 
ATOM   244 C  C5    . DA  A 1 12 ? -12.523 -2.847  -9.037  1.00 49.94  ? 12  DA  A C5    1 
ATOM   245 C  C6    . DA  A 1 12 ? -12.172 -4.085  -9.601  1.00 49.79  ? 12  DA  A C6    1 
ATOM   246 N  N6    . DA  A 1 12 ? -12.655 -5.243  -9.188  1.00 50.65  ? 12  DA  A N6    1 
ATOM   247 N  N1    . DA  A 1 12 ? -11.340 -4.081  -10.663 1.00 51.55  ? 12  DA  A N1    1 
ATOM   248 C  C2    . DA  A 1 12 ? -10.839 -2.908  -11.076 1.00 51.08  ? 12  DA  A C2    1 
ATOM   249 N  N3    . DA  A 1 12 ? -11.050 -1.682  -10.594 1.00 49.66  ? 12  DA  A N3    1 
ATOM   250 C  C4    . DA  A 1 12 ? -11.922 -1.721  -9.573  1.00 50.87  ? 12  DA  A C4    1 
ATOM   251 P  P     . DG  A 1 13 ? -11.240 4.944   -10.668 1.00 78.83  ? 13  DG  A P     1 
ATOM   252 O  OP1   . DG  A 1 13 ? -10.170 4.951   -11.707 1.00 83.38  ? 13  DG  A OP1   1 
ATOM   253 O  OP2   . DG  A 1 13 ? -11.076 5.790   -9.438  1.00 79.05  ? 13  DG  A OP2   1 
ATOM   254 O  "O5'" . DG  A 1 13 ? -12.637 5.242   -11.375 1.00 77.13  ? 13  DG  A "O5'" 1 
HETATM 255 MG MG    . MG  B 2 .  ? 16.522  5.328   -2.325  1.00 77.99  ? 101 MG  A MG    1 
HETATM 256 O  O     . HOH C 3 .  ? 2.549   7.210   -5.499  1.00 50.44  ? 201 HOH A O     1 
HETATM 257 O  O     . HOH C 3 .  ? 16.126  7.721   -2.550  1.00 67.19  ? 202 HOH A O     1 
HETATM 258 O  O     . HOH C 3 .  ? 16.773  6.523   -0.649  1.00 73.41  ? 203 HOH A O     1 
# 
loop_
_atom_site_anisotrop.id 
_atom_site_anisotrop.type_symbol 
_atom_site_anisotrop.pdbx_label_atom_id 
_atom_site_anisotrop.pdbx_label_alt_id 
_atom_site_anisotrop.pdbx_label_comp_id 
_atom_site_anisotrop.pdbx_label_asym_id 
_atom_site_anisotrop.pdbx_label_seq_id 
_atom_site_anisotrop.pdbx_PDB_ins_code 
_atom_site_anisotrop.U[1][1] 
_atom_site_anisotrop.U[2][2] 
_atom_site_anisotrop.U[3][3] 
_atom_site_anisotrop.U[1][2] 
_atom_site_anisotrop.U[1][3] 
_atom_site_anisotrop.U[2][3] 
_atom_site_anisotrop.pdbx_auth_seq_id 
_atom_site_anisotrop.pdbx_auth_comp_id 
_atom_site_anisotrop.pdbx_auth_asym_id 
_atom_site_anisotrop.pdbx_auth_atom_id 
1   O "O5'" . DG A 1  ? 0.8476 0.8925 0.8108 -0.2003 0.0219  -0.0290 1  DG A "O5'" 
2   C "C5'" . DG A 1  ? 0.8672 0.9205 0.8304 -0.2060 0.0054  -0.0371 1  DG A "C5'" 
3   C "C4'" . DG A 1  ? 0.8583 0.9193 0.8017 -0.1896 0.0096  -0.0430 1  DG A "C4'" 
4   O "O4'" . DG A 1  ? 0.8560 0.8870 0.7650 -0.1787 0.0169  -0.0611 1  DG A "O4'" 
5   C "C3'" . DG A 1  ? 0.8305 0.9215 0.7991 -0.1739 0.0235  -0.0299 1  DG A "C3'" 
6   O "O3'" . DG A 1  ? 0.8485 0.9579 0.8245 -0.1716 0.0094  -0.0232 1  DG A "O3'" 
7   C "C2'" . DG A 1  ? 0.7937 0.8622 0.7357 -0.1587 0.0414  -0.0379 1  DG A "C2'" 
8   C "C1'" . DG A 1  ? 0.7891 0.8276 0.6957 -0.1595 0.0322  -0.0545 1  DG A "C1'" 
9   N N9    . DG A 1  ? 0.7646 0.7728 0.6555 -0.1509 0.0414  -0.0632 1  DG A N9    
10  C C8    . DG A 1  ? 0.7361 0.7318 0.6068 -0.1381 0.0478  -0.0739 1  DG A C8    
11  N N7    . DG A 1  ? 0.7241 0.6951 0.5978 -0.1331 0.0518  -0.0758 1  DG A N7    
12  C C5    . DG A 1  ? 0.7540 0.7192 0.6465 -0.1459 0.0453  -0.0632 1  DG A C5    
13  C C6    . DG A 1  ? 0.7737 0.7148 0.6818 -0.1522 0.0386  -0.0513 1  DG A C6    
14  O O6    . DG A 1  ? 0.8045 0.7243 0.7190 -0.1449 0.0365  -0.0500 1  DG A O6    
15  N N1    . DG A 1  ? 0.7801 0.7268 0.7029 -0.1718 0.0303  -0.0340 1  DG A N1    
16  C C2    . DG A 1  ? 0.8084 0.7825 0.7356 -0.1814 0.0315  -0.0319 1  DG A C2    
17  N N2    . DG A 1  ? 0.8940 0.8735 0.8388 -0.2029 0.0239  -0.0128 1  DG A N2    
18  N N3    . DG A 1  ? 0.7849 0.7810 0.7058 -0.1736 0.0359  -0.0431 1  DG A N3    
19  C C4    . DG A 1  ? 0.7651 0.7544 0.6664 -0.1569 0.0414  -0.0569 1  DG A C4    
20  P P     . DG A 2  ? 0.8637 1.0027 0.8895 -0.1541 0.0171  -0.0106 2  DG A P     
21  O OP1   . DG A 2  ? 0.8873 1.0473 0.9374 -0.1626 -0.0127 0.0086  2  DG A OP1   
22  O OP2   . DG A 2  ? 0.8638 1.0234 0.9313 -0.1509 0.0405  -0.0116 2  DG A OP2   
23  O "O5'" . DG A 2  ? 0.8285 0.9449 0.8215 -0.1352 0.0340  -0.0216 2  DG A "O5'" 
24  C "C5'" . DG A 2  ? 0.7629 0.8621 0.7135 -0.1344 0.0238  -0.0243 2  DG A "C5'" 
25  C "C4'" . DG A 2  ? 0.7294 0.8100 0.6609 -0.1171 0.0424  -0.0332 2  DG A "C4'" 
26  O "O4'" . DG A 2  ? 0.7068 0.7639 0.6124 -0.1179 0.0558  -0.0455 2  DG A "O4'" 
27  C "C3'" . DG A 2  ? 0.7006 0.7944 0.6745 -0.1014 0.0566  -0.0311 2  DG A "C3'" 
28  O "O3'" . DG A 2  ? 0.7363 0.8180 0.6980 -0.0898 0.0564  -0.0306 2  DG A "O3'" 
29  C "C2'" . DG A 2  ? 0.6733 0.7605 0.6355 -0.1031 0.0794  -0.0425 2  DG A "C2'" 
30  C "C1'" . DG A 2  ? 0.6735 0.7306 0.5865 -0.1084 0.0740  -0.0466 2  DG A "C1'" 
31  N N9    . DG A 2  ? 0.6879 0.7348 0.5898 -0.1197 0.0806  -0.0467 2  DG A N9    
32  C C8    . DG A 2  ? 0.6584 0.7228 0.5790 -0.1339 0.0851  -0.0409 2  DG A C8    
33  N N7    . DG A 2  ? 0.6835 0.7327 0.5865 -0.1473 0.0854  -0.0347 2  DG A N7    
34  C C5    . DG A 2  ? 0.6981 0.7172 0.5773 -0.1384 0.0796  -0.0379 2  DG A C5    
35  C C6    . DG A 2  ? 0.7435 0.7357 0.6106 -0.1461 0.0716  -0.0290 2  DG A C6    
36  O O6    . DG A 2  ? 0.8243 0.8122 0.6934 -0.1658 0.0649  -0.0126 2  DG A O6    
37  N N1    . DG A 2  ? 0.7122 0.6840 0.5706 -0.1310 0.0687  -0.0361 2  DG A N1    
38  C C2    . DG A 2  ? 0.6611 0.6389 0.5139 -0.1143 0.0741  -0.0489 2  DG A C2    
39  N N2    . DG A 2  ? 0.6673 0.6284 0.5147 -0.1043 0.0725  -0.0537 2  DG A N2    
40  N N3    . DG A 2  ? 0.6463 0.6468 0.5058 -0.1103 0.0777  -0.0527 2  DG A N3    
41  C C4    . DG A 2  ? 0.6628 0.6824 0.5390 -0.1212 0.0799  -0.0473 2  DG A C4    
42  P P     . DA A 3  ? 0.7182 0.8157 0.7359 -0.0803 0.0436  -0.0157 3  DA A P     
43  O OP1   . DA A 3  ? 0.7412 0.8619 0.7899 -0.0939 0.0156  0.0062  3  DA A OP1   
44  O OP2   . DA A 3  ? 0.7210 0.8217 0.7822 -0.0652 0.0670  -0.0313 3  DA A OP2   
45  O "O5'" . DA A 3  ? 0.7641 0.8454 0.7408 -0.0809 0.0330  -0.0084 3  DA A "O5'" 
46  C "C5'" . DA A 3  ? 0.7844 0.8608 0.7031 -0.0967 0.0252  -0.0087 3  DA A "C5'" 
47  C "C4'" . DA A 3  ? 0.7680 0.8350 0.6582 -0.0951 0.0250  -0.0054 3  DA A "C4'" 
48  O "O4'" . DA A 3  ? 0.7266 0.7714 0.5932 -0.0840 0.0469  -0.0251 3  DA A "O4'" 
49  C "C3'" . DA A 3  ? 0.7471 0.8163 0.6806 -0.0852 0.0143  0.0129  3  DA A "C3'" 
50  O "O3'" . DA A 3  ? 0.8124 0.8841 0.7153 -0.0967 0.0026  0.0280  3  DA A "O3'" 
51  C "C2'" . DA A 3  ? 0.7045 0.7546 0.6494 -0.0659 0.0387  -0.0081 3  DA A "C2'" 
52  C "C1'" . DA A 3  ? 0.6926 0.7278 0.5816 -0.0692 0.0536  -0.0243 3  DA A "C1'" 
53  N N9    . DA A 3  ? 0.6341 0.6561 0.5160 -0.0640 0.0723  -0.0409 3  DA A N9    
54  C C8    . DA A 3  ? 0.6519 0.6802 0.5430 -0.0683 0.0802  -0.0476 3  DA A C8    
55  N N7    . DA A 3  ? 0.6415 0.6582 0.5143 -0.0707 0.0931  -0.0559 3  DA A N7    
56  C C5    . DA A 3  ? 0.6486 0.6482 0.5010 -0.0659 0.0919  -0.0553 3  DA A C5    
57  C C6    . DA A 3  ? 0.6595 0.6423 0.4887 -0.0693 0.0958  -0.0565 3  DA A C6    
58  N N6    . DA A 3  ? 0.6968 0.6772 0.5126 -0.0819 0.1012  -0.0564 3  DA A N6    
59  N N1    . DA A 3  ? 0.6549 0.6265 0.4763 -0.0635 0.0912  -0.0530 3  DA A N1    
60  C C2    . DA A 3  ? 0.6727 0.6511 0.5043 -0.0569 0.0848  -0.0484 3  DA A C2    
61  N N3    . DA A 3  ? 0.6612 0.6554 0.5081 -0.0571 0.0783  -0.0436 3  DA A N3    
62  C C4    . DA A 3  ? 0.6561 0.6595 0.5147 -0.0607 0.0814  -0.0476 3  DA A C4    
63  P P     . DC A 4  ? 0.8152 0.9134 0.7149 -0.1250 -0.0322 0.0641  4  DC A P     
64  O OP1   . DC A 4  ? 0.9017 1.0059 0.7478 -0.1420 -0.0308 0.0692  4  DC A OP1   
65  O OP2   . DC A 4  ? 0.8188 0.9336 0.7110 -0.1424 -0.0438 0.0656  4  DC A OP2   
66  O "O5'" . DC A 4  ? 0.8348 0.9311 0.8145 -0.1129 -0.0541 0.0923  4  DC A "O5'" 
67  C "C5'" . DC A 4  ? 0.8155 0.9128 0.8734 -0.0955 -0.0559 0.0899  4  DC A "C5'" 
68  C "C4'" . DC A 4  ? 0.8271 0.9335 0.9701 -0.0974 -0.0927 0.1285  4  DC A "C4'" 
69  O "O4'" . DC A 4  ? 0.8368 0.9653 0.9525 -0.1330 -0.1327 0.1731  4  DC A "O4'" 
70  C "C3'" . DC A 4  ? 0.8264 0.9106 1.0121 -0.0802 -0.0917 0.1290  4  DC A "C3'" 
71  O "O3'" . DC A 4  ? 0.9146 0.9985 1.2201 -0.0629 -0.1054 0.1362  4  DC A "O3'" 
72  C "C2'" . DC A 4  ? 0.8277 0.9199 0.9775 -0.1082 -0.1238 0.1712  4  DC A "C2'" 
73  C "C1'" . DC A 4  ? 0.8289 0.9525 0.9651 -0.1401 -0.1567 0.2057  4  DC A "C1'" 
74  N N1    . DC A 4  ? 0.8193 0.9594 0.8576 -0.1767 -0.1638 0.2218  4  DC A N1    
75  C C2    . DC A 4  ? 0.8136 0.9611 0.8569 -0.1993 -0.1952 0.2665  4  DC A C2    
76  O O2    . DC A 4  ? 0.7824 0.9179 0.9215 -0.1874 -0.2233 0.2957  4  DC A O2    
77  N N3    . DC A 4  ? 0.8388 1.0080 0.7885 -0.2358 -0.1934 0.2757  4  DC A N3    
78  C C4    . DC A 4  ? 0.8546 1.0349 0.7174 -0.2462 -0.1606 0.2366  4  DC A C4    
79  N N4    . DC A 4  ? 0.9114 1.1187 0.6898 -0.2842 -0.1541 0.2395  4  DC A N4    
80  C C5    . DC A 4  ? 0.8351 1.0009 0.6995 -0.2203 -0.1321 0.1916  4  DC A C5    
81  C C6    . DC A 4  ? 0.8047 0.9518 0.7527 -0.1873 -0.1345 0.1880  4  DC A C6    
82  P P     . DA A 5  ? 0.9499 1.0109 1.3163 -0.0303 -0.0702 0.0900  5  DA A P     
83  O OP1   . DA A 5  ? 0.9491 1.0278 1.3632 -0.0184 -0.0474 0.0628  5  DA A OP1   
84  O OP2   . DA A 5  ? 0.9686 1.0060 1.2494 -0.0282 -0.0434 0.0643  5  DA A OP2   
85  O "O5'" . DA A 5  ? 0.9895 1.0375 1.4666 -0.0227 -0.1033 0.1166  5  DA A "O5'" 
86  C "C5'" . DA A 5  ? 1.0463 1.1003 1.5319 -0.0470 -0.1558 0.1786  5  DA A "C5'" 
87  C "C4'" . DA A 5  ? 1.0763 1.1024 1.5829 -0.0445 -0.1681 0.1892  5  DA A "C4'" 
88  O "O4'" . DA A 5  ? 1.0591 1.0919 1.4602 -0.0742 -0.1813 0.2199  5  DA A "O4'" 
89  C "C3'" . DA A 5  ? 1.0919 1.0865 1.5973 -0.0186 -0.1247 0.1307  5  DA A "C3'" 
90  O "O3'" . DA A 5  ? 1.2108 1.1815 1.8223 -0.0110 -0.1531 0.1478  5  DA A "O3'" 
91  C "C2'" . DA A 5  ? 1.0165 1.0099 1.3829 -0.0321 -0.1027 0.1209  5  DA A "C2'" 
92  C "C1'" . DA A 5  ? 0.9824 0.9959 1.3063 -0.0647 -0.1421 0.1799  5  DA A "C1'" 
93  N N9    . DA A 5  ? 0.8716 0.9066 1.0769 -0.0860 -0.1279 0.1796  5  DA A N9    
94  C C8    . DA A 5  ? 0.8460 0.8859 0.9816 -0.0807 -0.0917 0.1415  5  DA A C8    
95  N N7    . DA A 5  ? 0.8326 0.8919 0.8839 -0.1042 -0.0890 0.1493  5  DA A N7    
96  C C5    . DA A 5  ? 0.8213 0.8945 0.8757 -0.1306 -0.1235 0.1964  5  DA A C5    
97  C C6    . DA A 5  ? 0.8063 0.9086 0.7882 -0.1681 -0.1332 0.2215  5  DA A C6    
98  N N6    . DA A 5  ? 0.8093 0.9293 0.7079 -0.1812 -0.1058 0.1950  5  DA A N6    
99  N N1    . DA A 5  ? 0.8479 0.9621 0.8499 -0.1946 -0.1710 0.2735  5  DA A N1    
100 C C2    . DA A 5  ? 0.8752 0.9675 0.9766 -0.1804 -0.2015 0.2995  5  DA A C2    
101 N N3    . DA A 5  ? 0.8492 0.9113 1.0350 -0.1420 -0.1935 0.2729  5  DA A N3    
102 C C4    . DA A 5  ? 0.8492 0.9059 0.9994 -0.1201 -0.1515 0.2203  5  DA A C4    
103 P P     . DG A 6  ? 1.2782 1.2094 1.9281 0.0115  -0.1246 0.0952  6  DG A P     
104 O OP1   . DG A 6  ? 1.2325 1.1515 2.0507 0.0330  -0.1373 0.0846  6  DG A OP1   
105 O OP2   . DG A 6  ? 1.2101 1.1405 1.7571 0.0169  -0.0703 0.0381  6  DG A OP2   
106 O "O5'" . DG A 6  ? 1.1941 1.1072 1.8054 -0.0078 -0.1556 0.1362  6  DG A "O5'" 
107 C "C5'" . DG A 6  ? 1.1721 1.0929 1.8331 -0.0299 -0.2147 0.2099  6  DG A "C5'" 
108 C "C4'" . DG A 6  ? 1.1366 1.0578 1.7064 -0.0569 -0.2282 0.2438  6  DG A "C4'" 
109 O "O4'" . DG A 6  ? 1.0818 1.0363 1.5194 -0.0757 -0.2077 0.2452  6  DG A "O4'" 
110 C "C3'" . DG A 6  ? 1.1304 1.0164 1.6797 -0.0442 -0.2017 0.2021  6  DG A "C3'" 
111 O "O3'" . DG A 6  ? 1.1995 1.0674 1.7927 -0.0597 -0.2416 0.2459  6  DG A "O3'" 
112 C "C2'" . DG A 6  ? 1.0714 0.9748 1.4801 -0.0521 -0.1638 0.1792  6  DG A "C2'" 
113 C "C1'" . DG A 6  ? 1.0297 0.9754 1.3806 -0.0785 -0.1806 0.2235  6  DG A "C1'" 
114 N N9    . DG A 6  ? 0.8936 0.8602 1.1437 -0.0786 -0.1425 0.1926  6  DG A N9    
115 C C8    . DG A 6  ? 0.8348 0.7952 1.0712 -0.0564 -0.1053 0.1410  6  DG A C8    
116 N N7    . DG A 6  ? 0.8222 0.8017 0.9714 -0.0638 -0.0825 0.1285  6  DG A N7    
117 C C5    . DG A 6  ? 0.8120 0.8144 0.9139 -0.0917 -0.1004 0.1667  6  DG A C5    
118 C C6    . DG A 6  ? 0.7938 0.8239 0.8081 -0.1106 -0.0847 0.1651  6  DG A C6    
119 O O6    . DG A 6  ? 0.7729 0.8077 0.7405 -0.1039 -0.0558 0.1322  6  DG A O6    
120 N N1    . DG A 6  ? 0.7819 0.8372 0.7702 -0.1427 -0.1055 0.2056  6  DG A N1    
121 C C2    . DG A 6  ? 0.8107 0.8625 0.8495 -0.1567 -0.1428 0.2509  6  DG A C2    
122 N N2    . DG A 6  ? 0.8564 0.9408 0.8519 -0.1951 -0.1579 0.2897  6  DG A N2    
123 N N3    . DG A 6  ? 0.8373 0.8574 0.9675 -0.1369 -0.1634 0.2568  6  DG A N3    
124 C C4    . DG A 6  ? 0.8457 0.8430 1.0026 -0.1038 -0.1375 0.2092  6  DG A C4    
125 P P     . DC A 7  ? 1.2188 1.0544 1.7805 -0.0571 -0.2252 0.2181  7  DC A P     
126 O OP1   . DC A 7  ? 1.2859 1.0849 1.9697 -0.0560 -0.2653 0.2405  7  DC A OP1   
127 O OP2   . DC A 7  ? 1.1776 1.0028 1.6835 -0.0358 -0.1706 0.1440  7  DC A OP2   
128 O "O5'" . DC A 7  ? 1.1873 1.0567 1.6301 -0.0893 -0.2272 0.2574  7  DC A "O5'" 
129 C "C5'" . DC A 7  ? 1.1942 1.0956 1.6315 -0.1248 -0.2694 0.3309  7  DC A "C5'" 
130 C "C4'" . DC A 7  ? 1.1850 1.1206 1.5055 -0.1519 -0.2522 0.3439  7  DC A "C4'" 
131 O "O4'" . DC A 7  ? 1.0906 1.0508 1.3256 -0.1438 -0.2099 0.3048  7  DC A "O4'" 
132 C "C3'" . DC A 7  ? 1.1848 1.0982 1.4862 -0.1474 -0.2362 0.3231  7  DC A "C3'" 
133 O "O3'" . DC A 7  ? 1.2955 1.2374 1.5662 -0.1853 -0.2574 0.3770  7  DC A "O3'" 
134 C "C2'" . DC A 7  ? 1.1002 1.0199 1.3200 -0.1289 -0.1841 0.2652  7  DC A "C2'" 
135 C "C1'" . DC A 7  ? 1.0330 0.9949 1.1985 -0.1404 -0.1747 0.2738  7  DC A "C1'" 
136 N N1    . DC A 7  ? 0.9233 0.8861 1.0431 -0.1182 -0.1344 0.2214  7  DC A N1    
137 C C2    . DC A 7  ? 0.8891 0.8876 0.9272 -0.1307 -0.1094 0.2139  7  DC A C2    
138 O O2    . DC A 7  ? 0.9396 0.9713 0.9421 -0.1603 -0.1160 0.2453  7  DC A O2    
139 N N3    . DC A 7  ? 0.8355 0.8326 0.8399 -0.1126 -0.0781 0.1716  7  DC A N3    
140 C C4    . DC A 7  ? 0.8456 0.8137 0.8849 -0.0871 -0.0694 0.1397  7  DC A C4    
141 N N4    . DC A 7  ? 0.7978 0.7678 0.8009 -0.0751 -0.0412 0.1048  7  DC A N4    
142 C C5    . DC A 7  ? 0.8666 0.8037 0.9846 -0.0750 -0.0879 0.1401  7  DC A C5    
143 C C6    . DC A 7  ? 0.8922 0.8249 1.0532 -0.0892 -0.1212 0.1805  7  DC A C6    
144 P P     . DT A 8  ? 1.3809 1.3112 1.6353 -0.1914 -0.2498 0.3735  8  DT A P     
145 O OP1   . DT A 8  ? 1.3912 1.3284 1.6893 -0.2270 -0.2976 0.4431  8  DT A OP1   
146 O OP2   . DT A 8  ? 1.2500 1.1303 1.5301 -0.1557 -0.2280 0.3122  8  DT A OP2   
147 O "O5'" . DT A 8  ? 1.2881 1.2708 1.4364 -0.2064 -0.2101 0.3627  8  DT A "O5'" 
148 C "C5'" . DT A 8  ? 1.2512 1.2874 1.3424 -0.2340 -0.2062 0.3863  8  DT A "C5'" 
149 C "C4'" . DT A 8  ? 1.1766 1.2543 1.1889 -0.2430 -0.1624 0.3617  8  DT A "C4'" 
150 O "O4'" . DT A 8  ? 1.0834 1.1516 1.0658 -0.2112 -0.1250 0.3042  8  DT A "O4'" 
151 C "C3'" . DT A 8  ? 1.1543 1.2231 1.1786 -0.2412 -0.1547 0.3581  8  DT A "C3'" 
152 O "O3'" . DT A 8  ? 1.2363 1.3653 1.2127 -0.2755 -0.1365 0.3763  8  DT A "O3'" 
153 C "C2'" . DT A 8  ? 1.0562 1.0899 1.0781 -0.2005 -0.1254 0.2985  8  DT A "C2'" 
154 C "C1'" . DT A 8  ? 0.9895 1.0409 0.9681 -0.1901 -0.0993 0.2687  8  DT A "C1'" 
155 N N1    . DT A 8  ? 0.8544 0.8662 0.8424 -0.1544 -0.0862 0.2234  8  DT A N1    
156 C C2    . DT A 8  ? 0.8247 0.8496 0.7709 -0.1425 -0.0546 0.1885  8  DT A C2    
157 O O2    . DT A 8  ? 0.8547 0.9192 0.7619 -0.1561 -0.0336 0.1854  8  DT A O2    
158 N N3    . DT A 8  ? 0.7551 0.7462 0.7110 -0.1160 -0.0466 0.1541  8  DT A N3    
159 C C4    . DT A 8  ? 0.7579 0.7079 0.7583 -0.1009 -0.0606 0.1439  8  DT A C4    
160 O O4    . DT A 8  ? 0.7844 0.7146 0.7828 -0.0827 -0.0458 0.1091  8  DT A O4    
161 C C5    . DT A 8  ? 0.7998 0.7348 0.8498 -0.1111 -0.0913 0.1745  8  DT A C5    
162 C C7    . DT A 8  ? 0.8348 0.7236 0.9468 -0.0950 -0.1044 0.1560  8  DT A C7    
163 C C6    . DT A 8  ? 0.8337 0.7984 0.8759 -0.1371 -0.1055 0.2162  8  DT A C6    
164 P P     . DG A 9  ? 1.3002 1.4392 1.2897 -0.2830 -0.1276 0.3818  9  DG A P     
165 O OP1   . DG A 9  ? 1.3518 1.5533 1.3177 -0.3347 -0.1326 0.4308  9  DG A OP1   
166 O OP2   . DG A 9  ? 1.2336 1.3076 1.2845 -0.2588 -0.1542 0.3780  9  DG A OP2   
167 O "O5'" . DG A 9  ? 1.2036 1.3603 1.1597 -0.2601 -0.0766 0.3255  9  DG A "O5'" 
168 C "C5'" . DG A 9  ? 1.1402 1.3409 1.0448 -0.2674 -0.0421 0.3010  9  DG A "C5'" 
169 C "C4'" . DG A 9  ? 1.0565 1.2532 0.9625 -0.2368 -0.0048 0.2495  9  DG A "C4'" 
170 O "O4'" . DG A 9  ? 0.9857 1.1241 0.9042 -0.2006 -0.0142 0.2237  9  DG A "O4'" 
171 C "C3'" . DG A 9  ? 1.0392 1.2390 0.9824 -0.2338 -0.0002 0.2524  9  DG A "C3'" 
172 O "O3'" . DG A 9  ? 1.1099 1.3413 1.0557 -0.2235 0.0405  0.2153  9  DG A "O3'" 
173 C "C2'" . DG A 9  ? 0.9798 1.1107 0.9529 -0.2053 -0.0273 0.2457  9  DG A "C2'" 
174 C "C1'" . DG A 9  ? 0.9218 1.0295 0.8711 -0.1809 -0.0160 0.2109  9  DG A "C1'" 
175 N N9    . DG A 9  ? 0.8166 0.8657 0.7792 -0.1588 -0.0366 0.1989  9  DG A N9    
176 C C8    . DG A 9  ? 0.8044 0.8145 0.7996 -0.1593 -0.0683 0.2157  9  DG A C8    
177 N N7    . DG A 9  ? 0.7746 0.7418 0.7769 -0.1378 -0.0717 0.1881  9  DG A N7    
178 C C5    . DG A 9  ? 0.7179 0.6969 0.6859 -0.1243 -0.0444 0.1585  9  DG A C5    
179 C C6    . DG A 9  ? 0.6972 0.6499 0.6534 -0.1044 -0.0341 0.1241  9  DG A C6    
180 O O6    . DG A 9  ? 0.7288 0.6455 0.7008 -0.0943 -0.0420 0.1071  9  DG A O6    
181 N N1    . DG A 9  ? 0.6374 0.6119 0.5644 -0.0986 -0.0100 0.1068  9  DG A N1    
182 C C2    . DG A 9  ? 0.6456 0.6614 0.5621 -0.1083 0.0063  0.1133  9  DG A C2    
183 N N2    . DG A 9  ? 0.6415 0.6679 0.5424 -0.0994 0.0278  0.0896  9  DG A N2    
184 N N3    . DG A 9  ? 0.6952 0.7414 0.6199 -0.1276 0.0031  0.1391  9  DG A N3    
185 C C4    . DG A 9  ? 0.7489 0.7749 0.6968 -0.1356 -0.0242 0.1642  9  DG A C4    
186 P P     . DG A 10 ? 1.1981 1.4818 1.1780 -0.2399 0.0626  0.2214  10 DG A P     
187 O OP1   . DG A 10 ? 1.2146 1.5714 1.1626 -0.2730 0.0985  0.2153  10 DG A OP1   
188 O OP2   . DG A 10 ? 1.2153 1.4765 1.2271 -0.2489 0.0266  0.2615  10 DG A OP2   
189 O "O5'" . DG A 10 ? 1.0647 1.3348 1.0842 -0.2057 0.0831  0.1811  10 DG A "O5'" 
190 C "C5'" . DG A 10 ? 0.9705 1.2486 0.9790 -0.1899 0.1138  0.1382  10 DG A "C5'" 
191 C "C4'" . DG A 10 ? 0.8978 1.1217 0.9297 -0.1559 0.0996  0.1212  10 DG A "C4'" 
192 O "O4'" . DG A 10 ? 0.8846 1.0522 0.8851 -0.1487 0.0648  0.1356  10 DG A "O4'" 
193 C "C3'" . DG A 10 ? 0.8570 1.0769 0.9515 -0.1472 0.0901  0.1300  10 DG A "C3'" 
194 O "O3'" . DG A 10 ? 0.8460 1.0665 0.9821 -0.1259 0.1074  0.1001  10 DG A "O3'" 
195 C "C2'" . DG A 10 ? 0.8233 0.9847 0.9014 -0.1439 0.0471  0.1529  10 DG A "C2'" 
196 C "C1'" . DG A 10 ? 0.7971 0.9246 0.8242 -0.1338 0.0435  0.1376  10 DG A "C1'" 
197 N N9    . DG A 10 ? 0.7291 0.8074 0.7331 -0.1333 0.0122  0.1498  10 DG A N9    
198 C C8    . DG A 10 ? 0.7143 0.7812 0.7235 -0.1482 -0.0121 0.1775  10 DG A C8    
199 N N7    . DG A 10 ? 0.7030 0.7211 0.7019 -0.1408 -0.0333 0.1725  10 DG A N7    
200 C C5    . DG A 10 ? 0.6756 0.6762 0.6531 -0.1226 -0.0211 0.1422  10 DG A C5    
201 C C6    . DG A 10 ? 0.6650 0.6228 0.6242 -0.1109 -0.0281 0.1205  10 DG A C6    
202 O O6    . DG A 10 ? 0.6912 0.6151 0.6556 -0.1113 -0.0447 0.1173  10 DG A O6    
203 N N1    . DG A 10 ? 0.6389 0.5972 0.5790 -0.0992 -0.0120 0.0983  10 DG A N1    
204 C C2    . DG A 10 ? 0.6513 0.6410 0.5991 -0.0958 0.0065  0.0949  10 DG A C2    
205 N N2    . DG A 10 ? 0.6454 0.6256 0.5806 -0.0854 0.0152  0.0757  10 DG A N2    
206 N N3    . DG A 10 ? 0.6759 0.7048 0.6480 -0.1035 0.0172  0.1072  10 DG A N3    
207 C C4    . DG A 10 ? 0.6789 0.7135 0.6606 -0.1180 0.0034  0.1313  10 DG A C4    
208 P P     . DG A 11 ? 0.8198 1.0398 1.0388 -0.1149 0.0960  0.1079  11 DG A P     
209 O OP1   . DG A 11 ? 0.8779 1.1125 1.1528 -0.0966 0.1213  0.0752  11 DG A OP1   
210 O OP2   . DG A 11 ? 0.8810 1.1352 1.1349 -0.1333 0.0924  0.1349  11 DG A OP2   
211 O "O5'" . DG A 11 ? 0.8116 0.9643 1.0004 -0.1072 0.0520  0.1234  11 DG A "O5'" 
212 C "C5'" . DG A 11 ? 0.7404 0.8554 0.8960 -0.0933 0.0475  0.1054  11 DG A "C5'" 
213 C "C4'" . DG A 11 ? 0.7235 0.7878 0.8518 -0.0963 0.0090  0.1214  11 DG A "C4'" 
214 O "O4'" . DG A 11 ? 0.6835 0.7290 0.7680 -0.1083 -0.0056 0.1330  11 DG A "O4'" 
215 C "C3'" . DG A 11 ? 0.7257 0.7877 0.9086 -0.1022 -0.0176 0.1441  11 DG A "C3'" 
216 O "O3'" . DG A 11 ? 0.7931 0.8116 0.9436 -0.1078 -0.0481 0.1503  11 DG A "O3'" 
217 C "C2'" . DG A 11 ? 0.6943 0.7600 0.8738 -0.1188 -0.0323 0.1655  11 DG A "C2'" 
218 C "C1'" . DG A 11 ? 0.6616 0.6976 0.7679 -0.1214 -0.0329 0.1559  11 DG A "C1'" 
219 N N9    . DG A 11 ? 0.6373 0.6859 0.7418 -0.1341 -0.0344 0.1714  11 DG A N9    
220 C C8    . DG A 11 ? 0.6217 0.7173 0.7693 -0.1446 -0.0234 0.1888  11 DG A C8    
221 N N7    . DG A 11 ? 0.6316 0.7263 0.7648 -0.1600 -0.0334 0.2072  11 DG A N7    
222 C C5    . DG A 11 ? 0.6426 0.6844 0.7305 -0.1556 -0.0514 0.1976  11 DG A C5    
223 C C6    . DG A 11 ? 0.6863 0.6997 0.7591 -0.1651 -0.0713 0.2088  11 DG A C6    
224 O O6    . DG A 11 ? 0.6788 0.7065 0.7703 -0.1826 -0.0820 0.2368  11 DG A O6    
225 N N1    . DG A 11 ? 0.6707 0.6351 0.7118 -0.1539 -0.0797 0.1847  11 DG A N1    
226 C C2    . DG A 11 ? 0.6800 0.6283 0.6954 -0.1404 -0.0705 0.1577  11 DG A C2    
227 N N2    . DG A 11 ? 0.6867 0.5944 0.6740 -0.1347 -0.0754 0.1342  11 DG A N2    
228 N N3    . DG A 11 ? 0.6578 0.6296 0.6829 -0.1345 -0.0579 0.1544  11 DG A N3    
229 C C4    . DG A 11 ? 0.6473 0.6634 0.7137 -0.1405 -0.0491 0.1733  11 DG A C4    
230 P P     . DA A 12 ? 0.7890 0.8051 0.9976 -0.1110 -0.0746 0.1702  12 DA A P     
231 O OP1   . DA A 12 ? 0.8128 0.8621 1.0995 -0.0910 -0.0476 0.1568  12 DA A OP1   
232 O OP2   . DA A 12 ? 0.7982 0.8137 1.0311 -0.1306 -0.1080 0.2006  12 DA A OP2   
233 O "O5'" . DA A 12 ? 0.8083 0.7824 0.9445 -0.1195 -0.0915 0.1652  12 DA A "O5'" 
234 C "C5'" . DA A 12 ? 0.7805 0.7488 0.8888 -0.1052 -0.0679 0.1406  12 DA A "C5'" 
235 C "C4'" . DA A 12 ? 0.7896 0.7237 0.8111 -0.1186 -0.0767 0.1317  12 DA A "C4'" 
236 O "O4'" . DA A 12 ? 0.7557 0.6806 0.7345 -0.1228 -0.0712 0.1208  12 DA A "O4'" 
237 C "C3'" . DA A 12 ? 0.8528 0.7655 0.8511 -0.1469 -0.1151 0.1550  12 DA A "C3'" 
238 O "O3'" . DA A 12 ? 1.0243 0.9182 0.9598 -0.1580 -0.1143 0.1441  12 DA A "O3'" 
239 C "C2'" . DA A 12 ? 0.8254 0.7246 0.7853 -0.1658 -0.1289 0.1556  12 DA A "C2'" 
240 C "C1'" . DA A 12 ? 0.7611 0.6583 0.6929 -0.1481 -0.0968 0.1250  12 DA A "C1'" 
241 N N9    . DA A 12 ? 0.7093 0.6004 0.6390 -0.1537 -0.1016 0.1242  12 DA A N9    
242 C C8    . DA A 12 ? 0.6595 0.5729 0.6372 -0.1460 -0.0974 0.1371  12 DA A C8    
243 N N7    . DA A 12 ? 0.6879 0.5849 0.6531 -0.1570 -0.1081 0.1365  12 DA A N7    
244 C C5    . DA A 12 ? 0.7098 0.5713 0.6166 -0.1700 -0.1150 0.1140  12 DA A C5    
245 C C6    . DA A 12 ? 0.7290 0.5577 0.6052 -0.1837 -0.1231 0.0940  12 DA A C6    
246 N N6    . DA A 12 ? 0.7332 0.5546 0.6367 -0.1867 -0.1332 0.1009  12 DA A N6    
247 N N1    . DA A 12 ? 0.7780 0.5825 0.5981 -0.1977 -0.1204 0.0644  12 DA A N1    
248 C C2    . DA A 12 ? 0.7781 0.5920 0.5706 -0.1988 -0.1125 0.0627  12 DA A C2    
249 N N3    . DA A 12 ? 0.7426 0.5816 0.5628 -0.1853 -0.1090 0.0849  12 DA A N3    
250 C C4    . DA A 12 ? 0.7306 0.5919 0.6104 -0.1700 -0.1094 0.1070  12 DA A C4    
251 P P     . DG A 13 ? 1.0474 0.9402 1.0074 -0.1641 -0.1302 0.1640  13 DG A P     
252 O OP1   . DG A 13 ? 1.1395 1.0153 1.0133 -0.1906 -0.1344 0.1577  13 DG A OP1   
253 O OP2   . DG A 13 ? 1.0247 0.9333 1.0457 -0.1308 -0.1024 0.1485  13 DG A OP2   
254 O "O5'" . DG A 13 ? 1.0057 0.9022 1.0225 -0.1840 -0.1749 0.2085  13 DG A "O5'" 
# 
loop_
_pdbx_poly_seq_scheme.asym_id 
_pdbx_poly_seq_scheme.entity_id 
_pdbx_poly_seq_scheme.seq_id 
_pdbx_poly_seq_scheme.mon_id 
_pdbx_poly_seq_scheme.ndb_seq_num 
_pdbx_poly_seq_scheme.pdb_seq_num 
_pdbx_poly_seq_scheme.auth_seq_num 
_pdbx_poly_seq_scheme.pdb_mon_id 
_pdbx_poly_seq_scheme.auth_mon_id 
_pdbx_poly_seq_scheme.pdb_strand_id 
_pdbx_poly_seq_scheme.pdb_ins_code 
_pdbx_poly_seq_scheme.hetero 
A 1 1  DG 1  1  1  DG DG A . n 
A 1 2  DG 2  2  2  DG DG A . n 
A 1 3  DA 3  3  3  DA DA A . n 
A 1 4  DC 4  4  4  DC DC A . n 
A 1 5  DA 5  5  5  DA DA A . n 
A 1 6  DG 6  6  6  DG DG A . n 
A 1 7  DC 7  7  7  DC DC A . n 
A 1 8  DT 8  8  8  DT DT A . n 
A 1 9  DG 9  9  9  DG DG A . n 
A 1 10 DG 10 10 10 DG DG A . n 
A 1 11 DG 11 11 11 DG DG A . n 
A 1 12 DA 12 12 12 DA DA A . n 
A 1 13 DG 13 13 13 DG DG A . n 
# 
loop_
_pdbx_nonpoly_scheme.asym_id 
_pdbx_nonpoly_scheme.entity_id 
_pdbx_nonpoly_scheme.mon_id 
_pdbx_nonpoly_scheme.ndb_seq_num 
_pdbx_nonpoly_scheme.pdb_seq_num 
_pdbx_nonpoly_scheme.auth_seq_num 
_pdbx_nonpoly_scheme.pdb_mon_id 
_pdbx_nonpoly_scheme.auth_mon_id 
_pdbx_nonpoly_scheme.pdb_strand_id 
_pdbx_nonpoly_scheme.pdb_ins_code 
B 2 MG  1 101 1 MG  MG  A . 
C 3 HOH 1 201 5 HOH HOH A . 
C 3 HOH 2 202 7 HOH HOH A . 
C 3 HOH 3 203 8 HOH HOH A . 
# 
_pdbx_struct_assembly.id                   1 
_pdbx_struct_assembly.details              author_defined_assembly 
_pdbx_struct_assembly.method_details       ? 
_pdbx_struct_assembly.oligomeric_details   dimeric 
_pdbx_struct_assembly.oligomeric_count     2 
# 
_pdbx_struct_assembly_gen.assembly_id       1 
_pdbx_struct_assembly_gen.oper_expression   1,2 
_pdbx_struct_assembly_gen.asym_id_list      A,B,C 
# 
loop_
_pdbx_struct_oper_list.id 
_pdbx_struct_oper_list.type 
_pdbx_struct_oper_list.name 
_pdbx_struct_oper_list.symmetry_operation 
_pdbx_struct_oper_list.matrix[1][1] 
_pdbx_struct_oper_list.matrix[1][2] 
_pdbx_struct_oper_list.matrix[1][3] 
_pdbx_struct_oper_list.vector[1] 
_pdbx_struct_oper_list.matrix[2][1] 
_pdbx_struct_oper_list.matrix[2][2] 
_pdbx_struct_oper_list.matrix[2][3] 
_pdbx_struct_oper_list.vector[2] 
_pdbx_struct_oper_list.matrix[3][1] 
_pdbx_struct_oper_list.matrix[3][2] 
_pdbx_struct_oper_list.matrix[3][3] 
_pdbx_struct_oper_list.vector[3] 
1 'identity operation'         1_555 x,y,z     1.0000000000  0.0000000000 0.0000000000  0.0000000000 0.0000000000 1.0000000000  0.0000000000  0.0000000000  0.0000000000  0.0000000000  1.0000000000  0.0000000000 
2 'crystal symmetry operation' 4_545 -x,-y-1,z -0.5370742283 0.6094831262 -0.5831651500 5.0092374101 0.6094831262 -0.1975610263 -0.7677890073 -0.5939030216 -0.5831651500 -0.7677890073 -0.2653647454 3.3557067385 
# 
_pdbx_struct_conn_angle.id                    1 
_pdbx_struct_conn_angle.ptnr1_label_atom_id   O 
_pdbx_struct_conn_angle.ptnr1_label_alt_id    ? 
_pdbx_struct_conn_angle.ptnr1_label_asym_id   C 
_pdbx_struct_conn_angle.ptnr1_label_comp_id   HOH 
_pdbx_struct_conn_angle.ptnr1_label_seq_id    . 
_pdbx_struct_conn_angle.ptnr1_auth_atom_id    ? 
_pdbx_struct_conn_angle.ptnr1_auth_asym_id    A 
_pdbx_struct_conn_angle.ptnr1_auth_comp_id    HOH 
_pdbx_struct_conn_angle.ptnr1_auth_seq_id     202 
_pdbx_struct_conn_angle.ptnr1_PDB_ins_code    ? 
_pdbx_struct_conn_angle.ptnr1_symmetry        1_555 
_pdbx_struct_conn_angle.ptnr2_label_atom_id   MG 
_pdbx_struct_conn_angle.ptnr2_label_alt_id    ? 
_pdbx_struct_conn_angle.ptnr2_label_asym_id   B 
_pdbx_struct_conn_angle.ptnr2_label_comp_id   MG 
_pdbx_struct_conn_angle.ptnr2_label_seq_id    . 
_pdbx_struct_conn_angle.ptnr2_auth_atom_id    ? 
_pdbx_struct_conn_angle.ptnr2_auth_asym_id    A 
_pdbx_struct_conn_angle.ptnr2_auth_comp_id    MG 
_pdbx_struct_conn_angle.ptnr2_auth_seq_id     101 
_pdbx_struct_conn_angle.ptnr2_PDB_ins_code    ? 
_pdbx_struct_conn_angle.ptnr2_symmetry        1_555 
_pdbx_struct_conn_angle.ptnr3_label_atom_id   O 
_pdbx_struct_conn_angle.ptnr3_label_alt_id    ? 
_pdbx_struct_conn_angle.ptnr3_label_asym_id   C 
_pdbx_struct_conn_angle.ptnr3_label_comp_id   HOH 
_pdbx_struct_conn_angle.ptnr3_label_seq_id    . 
_pdbx_struct_conn_angle.ptnr3_auth_atom_id    ? 
_pdbx_struct_conn_angle.ptnr3_auth_asym_id    A 
_pdbx_struct_conn_angle.ptnr3_auth_comp_id    HOH 
_pdbx_struct_conn_angle.ptnr3_auth_seq_id     203 
_pdbx_struct_conn_angle.ptnr3_PDB_ins_code    ? 
_pdbx_struct_conn_angle.ptnr3_symmetry        1_555 
_pdbx_struct_conn_angle.value                 61.9 
_pdbx_struct_conn_angle.value_esd             ? 
# 
loop_
_pdbx_audit_revision_history.ordinal 
_pdbx_audit_revision_history.data_content_type 
_pdbx_audit_revision_history.major_revision 
_pdbx_audit_revision_history.minor_revision 
_pdbx_audit_revision_history.revision_date 
1 'Structure model' 1 0 2015-06-17 
2 'Structure model' 1 1 2015-09-09 
3 'Structure model' 1 2 2023-09-20 
# 
_pdbx_audit_revision_details.ordinal             1 
_pdbx_audit_revision_details.revision_ordinal    1 
_pdbx_audit_revision_details.data_content_type   'Structure model' 
_pdbx_audit_revision_details.provider            repository 
_pdbx_audit_revision_details.type                'Initial release' 
_pdbx_audit_revision_details.description         ? 
_pdbx_audit_revision_details.details             ? 
# 
loop_
_pdbx_audit_revision_group.ordinal 
_pdbx_audit_revision_group.revision_ordinal 
_pdbx_audit_revision_group.data_content_type 
_pdbx_audit_revision_group.group 
1 2 'Structure model' 'Database references'    
2 3 'Structure model' 'Data collection'        
3 3 'Structure model' 'Database references'    
4 3 'Structure model' 'Derived calculations'   
5 3 'Structure model' 'Refinement description' 
# 
loop_
_pdbx_audit_revision_category.ordinal 
_pdbx_audit_revision_category.revision_ordinal 
_pdbx_audit_revision_category.data_content_type 
_pdbx_audit_revision_category.category 
1 3 'Structure model' chem_comp_atom                
2 3 'Structure model' chem_comp_bond                
3 3 'Structure model' database_2                    
4 3 'Structure model' pdbx_initial_refinement_model 
5 3 'Structure model' pdbx_struct_conn_angle        
6 3 'Structure model' struct_conn                   
7 3 'Structure model' struct_site                   
# 
loop_
_pdbx_audit_revision_item.ordinal 
_pdbx_audit_revision_item.revision_ordinal 
_pdbx_audit_revision_item.data_content_type 
_pdbx_audit_revision_item.item 
1 3 'Structure model' '_database_2.pdbx_DOI'                      
2 3 'Structure model' '_database_2.pdbx_database_accession'       
3 3 'Structure model' '_pdbx_struct_conn_angle.ptnr1_auth_seq_id' 
4 3 'Structure model' '_pdbx_struct_conn_angle.ptnr3_auth_seq_id' 
5 3 'Structure model' '_struct_conn.pdbx_dist_value'              
6 3 'Structure model' '_struct_conn.ptnr2_auth_seq_id'            
7 3 'Structure model' '_struct_site.pdbx_auth_asym_id'            
8 3 'Structure model' '_struct_site.pdbx_auth_comp_id'            
9 3 'Structure model' '_struct_site.pdbx_auth_seq_id'             
# 
_pdbx_refine_tls.pdbx_refine_id   'X-RAY DIFFRACTION' 
_pdbx_refine_tls.id               1 
_pdbx_refine_tls.details          ? 
_pdbx_refine_tls.method           refined 
_pdbx_refine_tls.origin_x         -0.0333 
_pdbx_refine_tls.origin_y         -0.0668 
_pdbx_refine_tls.origin_z         0.1044 
_pdbx_refine_tls.T[1][1]          0.2390 
_pdbx_refine_tls.T[2][2]          0.2277 
_pdbx_refine_tls.T[3][3]          0.1202 
_pdbx_refine_tls.T[1][2]          -0.0670 
_pdbx_refine_tls.T[1][3]          0.0238 
_pdbx_refine_tls.T[2][3]          0.0417 
_pdbx_refine_tls.L[1][1]          9.2637 
_pdbx_refine_tls.L[2][2]          6.5125 
_pdbx_refine_tls.L[3][3]          2.4885 
_pdbx_refine_tls.L[1][2]          4.9142 
_pdbx_refine_tls.L[1][3]          1.6887 
_pdbx_refine_tls.L[2][3]          -0.5740 
_pdbx_refine_tls.S[1][1]          0.4651 
_pdbx_refine_tls.S[1][2]          -0.7633 
_pdbx_refine_tls.S[1][3]          -0.8738 
_pdbx_refine_tls.S[2][1]          0.1943 
_pdbx_refine_tls.S[2][2]          -0.1627 
_pdbx_refine_tls.S[2][3]          -0.3420 
_pdbx_refine_tls.S[3][1]          0.1969 
_pdbx_refine_tls.S[3][2]          -0.0398 
_pdbx_refine_tls.S[3][3]          -0.3022 
# 
_pdbx_refine_tls_group.pdbx_refine_id      'X-RAY DIFFRACTION' 
_pdbx_refine_tls_group.id                  1 
_pdbx_refine_tls_group.refine_tls_id       1 
_pdbx_refine_tls_group.beg_auth_asym_id    A 
_pdbx_refine_tls_group.beg_auth_seq_id     1 
_pdbx_refine_tls_group.beg_label_asym_id   ? 
_pdbx_refine_tls_group.beg_label_seq_id    ? 
_pdbx_refine_tls_group.end_auth_asym_id    A 
_pdbx_refine_tls_group.end_auth_seq_id     13 
_pdbx_refine_tls_group.end_label_asym_id   ? 
_pdbx_refine_tls_group.end_label_seq_id    ? 
_pdbx_refine_tls_group.selection           ? 
_pdbx_refine_tls_group.selection_details   ? 
# 
_software.name             REFMAC 
_software.classification   refinement 
_software.version          5.8.0073 
_software.citation_id      ? 
_software.pdbx_ordinal     1 
# 
loop_
_pdbx_unobs_or_zero_occ_atoms.id 
_pdbx_unobs_or_zero_occ_atoms.PDB_model_num 
_pdbx_unobs_or_zero_occ_atoms.polymer_flag 
_pdbx_unobs_or_zero_occ_atoms.occupancy_flag 
_pdbx_unobs_or_zero_occ_atoms.auth_asym_id 
_pdbx_unobs_or_zero_occ_atoms.auth_comp_id 
_pdbx_unobs_or_zero_occ_atoms.auth_seq_id 
_pdbx_unobs_or_zero_occ_atoms.PDB_ins_code 
_pdbx_unobs_or_zero_occ_atoms.auth_atom_id 
_pdbx_unobs_or_zero_occ_atoms.label_alt_id 
_pdbx_unobs_or_zero_occ_atoms.label_asym_id 
_pdbx_unobs_or_zero_occ_atoms.label_comp_id 
_pdbx_unobs_or_zero_occ_atoms.label_seq_id 
_pdbx_unobs_or_zero_occ_atoms.label_atom_id 
1  1 Y 1 A DG 13 ? "C5'" ? A DG 13 "C5'" 
2  1 Y 1 A DG 13 ? "C4'" ? A DG 13 "C4'" 
3  1 Y 1 A DG 13 ? "O4'" ? A DG 13 "O4'" 
4  1 Y 1 A DG 13 ? "C3'" ? A DG 13 "C3'" 
5  1 Y 1 A DG 13 ? "O3'" ? A DG 13 "O3'" 
6  1 Y 1 A DG 13 ? "C2'" ? A DG 13 "C2'" 
7  1 Y 1 A DG 13 ? "C1'" ? A DG 13 "C1'" 
8  1 Y 1 A DG 13 ? N9    ? A DG 13 N9    
9  1 Y 1 A DG 13 ? C8    ? A DG 13 C8    
10 1 Y 1 A DG 13 ? N7    ? A DG 13 N7    
11 1 Y 1 A DG 13 ? C5    ? A DG 13 C5    
12 1 Y 1 A DG 13 ? C6    ? A DG 13 C6    
13 1 Y 1 A DG 13 ? O6    ? A DG 13 O6    
14 1 Y 1 A DG 13 ? N1    ? A DG 13 N1    
15 1 Y 1 A DG 13 ? C2    ? A DG 13 C2    
16 1 Y 1 A DG 13 ? N2    ? A DG 13 N2    
17 1 Y 1 A DG 13 ? N3    ? A DG 13 N3    
18 1 Y 1 A DG 13 ? C4    ? A DG 13 C4    
# 
loop_
_chem_comp_atom.comp_id 
_chem_comp_atom.atom_id 
_chem_comp_atom.type_symbol 
_chem_comp_atom.pdbx_aromatic_flag 
_chem_comp_atom.pdbx_stereo_config 
_chem_comp_atom.pdbx_ordinal 
DA  OP3    O  N N 1   
DA  P      P  N N 2   
DA  OP1    O  N N 3   
DA  OP2    O  N N 4   
DA  "O5'"  O  N N 5   
DA  "C5'"  C  N N 6   
DA  "C4'"  C  N R 7   
DA  "O4'"  O  N N 8   
DA  "C3'"  C  N S 9   
DA  "O3'"  O  N N 10  
DA  "C2'"  C  N N 11  
DA  "C1'"  C  N R 12  
DA  N9     N  Y N 13  
DA  C8     C  Y N 14  
DA  N7     N  Y N 15  
DA  C5     C  Y N 16  
DA  C6     C  Y N 17  
DA  N6     N  N N 18  
DA  N1     N  Y N 19  
DA  C2     C  Y N 20  
DA  N3     N  Y N 21  
DA  C4     C  Y N 22  
DA  HOP3   H  N N 23  
DA  HOP2   H  N N 24  
DA  "H5'"  H  N N 25  
DA  "H5''" H  N N 26  
DA  "H4'"  H  N N 27  
DA  "H3'"  H  N N 28  
DA  "HO3'" H  N N 29  
DA  "H2'"  H  N N 30  
DA  "H2''" H  N N 31  
DA  "H1'"  H  N N 32  
DA  H8     H  N N 33  
DA  H61    H  N N 34  
DA  H62    H  N N 35  
DA  H2     H  N N 36  
DC  OP3    O  N N 37  
DC  P      P  N N 38  
DC  OP1    O  N N 39  
DC  OP2    O  N N 40  
DC  "O5'"  O  N N 41  
DC  "C5'"  C  N N 42  
DC  "C4'"  C  N R 43  
DC  "O4'"  O  N N 44  
DC  "C3'"  C  N S 45  
DC  "O3'"  O  N N 46  
DC  "C2'"  C  N N 47  
DC  "C1'"  C  N R 48  
DC  N1     N  N N 49  
DC  C2     C  N N 50  
DC  O2     O  N N 51  
DC  N3     N  N N 52  
DC  C4     C  N N 53  
DC  N4     N  N N 54  
DC  C5     C  N N 55  
DC  C6     C  N N 56  
DC  HOP3   H  N N 57  
DC  HOP2   H  N N 58  
DC  "H5'"  H  N N 59  
DC  "H5''" H  N N 60  
DC  "H4'"  H  N N 61  
DC  "H3'"  H  N N 62  
DC  "HO3'" H  N N 63  
DC  "H2'"  H  N N 64  
DC  "H2''" H  N N 65  
DC  "H1'"  H  N N 66  
DC  H41    H  N N 67  
DC  H42    H  N N 68  
DC  H5     H  N N 69  
DC  H6     H  N N 70  
DG  OP3    O  N N 71  
DG  P      P  N N 72  
DG  OP1    O  N N 73  
DG  OP2    O  N N 74  
DG  "O5'"  O  N N 75  
DG  "C5'"  C  N N 76  
DG  "C4'"  C  N R 77  
DG  "O4'"  O  N N 78  
DG  "C3'"  C  N S 79  
DG  "O3'"  O  N N 80  
DG  "C2'"  C  N N 81  
DG  "C1'"  C  N R 82  
DG  N9     N  Y N 83  
DG  C8     C  Y N 84  
DG  N7     N  Y N 85  
DG  C5     C  Y N 86  
DG  C6     C  N N 87  
DG  O6     O  N N 88  
DG  N1     N  N N 89  
DG  C2     C  N N 90  
DG  N2     N  N N 91  
DG  N3     N  N N 92  
DG  C4     C  Y N 93  
DG  HOP3   H  N N 94  
DG  HOP2   H  N N 95  
DG  "H5'"  H  N N 96  
DG  "H5''" H  N N 97  
DG  "H4'"  H  N N 98  
DG  "H3'"  H  N N 99  
DG  "HO3'" H  N N 100 
DG  "H2'"  H  N N 101 
DG  "H2''" H  N N 102 
DG  "H1'"  H  N N 103 
DG  H8     H  N N 104 
DG  H1     H  N N 105 
DG  H21    H  N N 106 
DG  H22    H  N N 107 
DT  OP3    O  N N 108 
DT  P      P  N N 109 
DT  OP1    O  N N 110 
DT  OP2    O  N N 111 
DT  "O5'"  O  N N 112 
DT  "C5'"  C  N N 113 
DT  "C4'"  C  N R 114 
DT  "O4'"  O  N N 115 
DT  "C3'"  C  N S 116 
DT  "O3'"  O  N N 117 
DT  "C2'"  C  N N 118 
DT  "C1'"  C  N R 119 
DT  N1     N  N N 120 
DT  C2     C  N N 121 
DT  O2     O  N N 122 
DT  N3     N  N N 123 
DT  C4     C  N N 124 
DT  O4     O  N N 125 
DT  C5     C  N N 126 
DT  C7     C  N N 127 
DT  C6     C  N N 128 
DT  HOP3   H  N N 129 
DT  HOP2   H  N N 130 
DT  "H5'"  H  N N 131 
DT  "H5''" H  N N 132 
DT  "H4'"  H  N N 133 
DT  "H3'"  H  N N 134 
DT  "HO3'" H  N N 135 
DT  "H2'"  H  N N 136 
DT  "H2''" H  N N 137 
DT  "H1'"  H  N N 138 
DT  H3     H  N N 139 
DT  H71    H  N N 140 
DT  H72    H  N N 141 
DT  H73    H  N N 142 
DT  H6     H  N N 143 
HOH O      O  N N 144 
HOH H1     H  N N 145 
HOH H2     H  N N 146 
MG  MG     MG N N 147 
# 
loop_
_chem_comp_bond.comp_id 
_chem_comp_bond.atom_id_1 
_chem_comp_bond.atom_id_2 
_chem_comp_bond.value_order 
_chem_comp_bond.pdbx_aromatic_flag 
_chem_comp_bond.pdbx_stereo_config 
_chem_comp_bond.pdbx_ordinal 
DA  OP3   P      sing N N 1   
DA  OP3   HOP3   sing N N 2   
DA  P     OP1    doub N N 3   
DA  P     OP2    sing N N 4   
DA  P     "O5'"  sing N N 5   
DA  OP2   HOP2   sing N N 6   
DA  "O5'" "C5'"  sing N N 7   
DA  "C5'" "C4'"  sing N N 8   
DA  "C5'" "H5'"  sing N N 9   
DA  "C5'" "H5''" sing N N 10  
DA  "C4'" "O4'"  sing N N 11  
DA  "C4'" "C3'"  sing N N 12  
DA  "C4'" "H4'"  sing N N 13  
DA  "O4'" "C1'"  sing N N 14  
DA  "C3'" "O3'"  sing N N 15  
DA  "C3'" "C2'"  sing N N 16  
DA  "C3'" "H3'"  sing N N 17  
DA  "O3'" "HO3'" sing N N 18  
DA  "C2'" "C1'"  sing N N 19  
DA  "C2'" "H2'"  sing N N 20  
DA  "C2'" "H2''" sing N N 21  
DA  "C1'" N9     sing N N 22  
DA  "C1'" "H1'"  sing N N 23  
DA  N9    C8     sing Y N 24  
DA  N9    C4     sing Y N 25  
DA  C8    N7     doub Y N 26  
DA  C8    H8     sing N N 27  
DA  N7    C5     sing Y N 28  
DA  C5    C6     sing Y N 29  
DA  C5    C4     doub Y N 30  
DA  C6    N6     sing N N 31  
DA  C6    N1     doub Y N 32  
DA  N6    H61    sing N N 33  
DA  N6    H62    sing N N 34  
DA  N1    C2     sing Y N 35  
DA  C2    N3     doub Y N 36  
DA  C2    H2     sing N N 37  
DA  N3    C4     sing Y N 38  
DC  OP3   P      sing N N 39  
DC  OP3   HOP3   sing N N 40  
DC  P     OP1    doub N N 41  
DC  P     OP2    sing N N 42  
DC  P     "O5'"  sing N N 43  
DC  OP2   HOP2   sing N N 44  
DC  "O5'" "C5'"  sing N N 45  
DC  "C5'" "C4'"  sing N N 46  
DC  "C5'" "H5'"  sing N N 47  
DC  "C5'" "H5''" sing N N 48  
DC  "C4'" "O4'"  sing N N 49  
DC  "C4'" "C3'"  sing N N 50  
DC  "C4'" "H4'"  sing N N 51  
DC  "O4'" "C1'"  sing N N 52  
DC  "C3'" "O3'"  sing N N 53  
DC  "C3'" "C2'"  sing N N 54  
DC  "C3'" "H3'"  sing N N 55  
DC  "O3'" "HO3'" sing N N 56  
DC  "C2'" "C1'"  sing N N 57  
DC  "C2'" "H2'"  sing N N 58  
DC  "C2'" "H2''" sing N N 59  
DC  "C1'" N1     sing N N 60  
DC  "C1'" "H1'"  sing N N 61  
DC  N1    C2     sing N N 62  
DC  N1    C6     sing N N 63  
DC  C2    O2     doub N N 64  
DC  C2    N3     sing N N 65  
DC  N3    C4     doub N N 66  
DC  C4    N4     sing N N 67  
DC  C4    C5     sing N N 68  
DC  N4    H41    sing N N 69  
DC  N4    H42    sing N N 70  
DC  C5    C6     doub N N 71  
DC  C5    H5     sing N N 72  
DC  C6    H6     sing N N 73  
DG  OP3   P      sing N N 74  
DG  OP3   HOP3   sing N N 75  
DG  P     OP1    doub N N 76  
DG  P     OP2    sing N N 77  
DG  P     "O5'"  sing N N 78  
DG  OP2   HOP2   sing N N 79  
DG  "O5'" "C5'"  sing N N 80  
DG  "C5'" "C4'"  sing N N 81  
DG  "C5'" "H5'"  sing N N 82  
DG  "C5'" "H5''" sing N N 83  
DG  "C4'" "O4'"  sing N N 84  
DG  "C4'" "C3'"  sing N N 85  
DG  "C4'" "H4'"  sing N N 86  
DG  "O4'" "C1'"  sing N N 87  
DG  "C3'" "O3'"  sing N N 88  
DG  "C3'" "C2'"  sing N N 89  
DG  "C3'" "H3'"  sing N N 90  
DG  "O3'" "HO3'" sing N N 91  
DG  "C2'" "C1'"  sing N N 92  
DG  "C2'" "H2'"  sing N N 93  
DG  "C2'" "H2''" sing N N 94  
DG  "C1'" N9     sing N N 95  
DG  "C1'" "H1'"  sing N N 96  
DG  N9    C8     sing Y N 97  
DG  N9    C4     sing Y N 98  
DG  C8    N7     doub Y N 99  
DG  C8    H8     sing N N 100 
DG  N7    C5     sing Y N 101 
DG  C5    C6     sing N N 102 
DG  C5    C4     doub Y N 103 
DG  C6    O6     doub N N 104 
DG  C6    N1     sing N N 105 
DG  N1    C2     sing N N 106 
DG  N1    H1     sing N N 107 
DG  C2    N2     sing N N 108 
DG  C2    N3     doub N N 109 
DG  N2    H21    sing N N 110 
DG  N2    H22    sing N N 111 
DG  N3    C4     sing N N 112 
DT  OP3   P      sing N N 113 
DT  OP3   HOP3   sing N N 114 
DT  P     OP1    doub N N 115 
DT  P     OP2    sing N N 116 
DT  P     "O5'"  sing N N 117 
DT  OP2   HOP2   sing N N 118 
DT  "O5'" "C5'"  sing N N 119 
DT  "C5'" "C4'"  sing N N 120 
DT  "C5'" "H5'"  sing N N 121 
DT  "C5'" "H5''" sing N N 122 
DT  "C4'" "O4'"  sing N N 123 
DT  "C4'" "C3'"  sing N N 124 
DT  "C4'" "H4'"  sing N N 125 
DT  "O4'" "C1'"  sing N N 126 
DT  "C3'" "O3'"  sing N N 127 
DT  "C3'" "C2'"  sing N N 128 
DT  "C3'" "H3'"  sing N N 129 
DT  "O3'" "HO3'" sing N N 130 
DT  "C2'" "C1'"  sing N N 131 
DT  "C2'" "H2'"  sing N N 132 
DT  "C2'" "H2''" sing N N 133 
DT  "C1'" N1     sing N N 134 
DT  "C1'" "H1'"  sing N N 135 
DT  N1    C2     sing N N 136 
DT  N1    C6     sing N N 137 
DT  C2    O2     doub N N 138 
DT  C2    N3     sing N N 139 
DT  N3    C4     sing N N 140 
DT  N3    H3     sing N N 141 
DT  C4    O4     doub N N 142 
DT  C4    C5     sing N N 143 
DT  C5    C7     sing N N 144 
DT  C5    C6     doub N N 145 
DT  C7    H71    sing N N 146 
DT  C7    H72    sing N N 147 
DT  C7    H73    sing N N 148 
DT  C6    H6     sing N N 149 
HOH O     H1     sing N N 150 
HOH O     H2     sing N N 151 
# 
_ndb_struct_conf_na.entry_id   4ROK 
_ndb_struct_conf_na.feature    'b-form double helix' 
# 
loop_
_ndb_struct_na_base_pair.model_number 
_ndb_struct_na_base_pair.i_label_asym_id 
_ndb_struct_na_base_pair.i_label_comp_id 
_ndb_struct_na_base_pair.i_label_seq_id 
_ndb_struct_na_base_pair.i_symmetry 
_ndb_struct_na_base_pair.j_label_asym_id 
_ndb_struct_na_base_pair.j_label_comp_id 
_ndb_struct_na_base_pair.j_label_seq_id 
_ndb_struct_na_base_pair.j_symmetry 
_ndb_struct_na_base_pair.shear 
_ndb_struct_na_base_pair.stretch 
_ndb_struct_na_base_pair.stagger 
_ndb_struct_na_base_pair.buckle 
_ndb_struct_na_base_pair.propeller 
_ndb_struct_na_base_pair.opening 
_ndb_struct_na_base_pair.pair_number 
_ndb_struct_na_base_pair.pair_name 
_ndb_struct_na_base_pair.i_auth_asym_id 
_ndb_struct_na_base_pair.i_auth_seq_id 
_ndb_struct_na_base_pair.i_PDB_ins_code 
_ndb_struct_na_base_pair.j_auth_asym_id 
_ndb_struct_na_base_pair.j_auth_seq_id 
_ndb_struct_na_base_pair.j_PDB_ins_code 
_ndb_struct_na_base_pair.hbond_type_28 
_ndb_struct_na_base_pair.hbond_type_12 
1 A DC 4 1_555 A DG 9 4_545 0.288  -0.048 0.368 -6.873 -7.683  -1.746 1 A_DC4:DG9_A A 4 ? A 9 ? 19 1 
1 A DA 5 1_555 A DT 8 4_545 0.140  -0.239 0.110 9.503  -13.089 3.165  2 A_DA5:DT8_A A 5 ? A 8 ? 20 1 
1 A DG 6 1_555 A DC 7 4_545 0.251  0.076  0.400 3.248  -11.756 2.211  3 A_DG6:DC7_A A 6 ? A 7 ? 19 1 
1 A DC 7 1_555 A DG 6 4_545 -0.251 0.076  0.400 -3.248 -11.756 2.211  4 A_DC7:DG6_A A 7 ? A 6 ? 19 1 
1 A DT 8 1_555 A DA 5 4_545 -0.140 -0.239 0.110 -9.503 -13.089 3.165  5 A_DT8:DA5_A A 8 ? A 5 ? 20 1 
1 A DG 9 1_555 A DC 4 4_545 -0.288 -0.048 0.368 6.873  -7.683  -1.746 6 A_DG9:DC4_A A 9 ? A 4 ? 19 1 
# 
loop_
_ndb_struct_na_base_pair_step.model_number 
_ndb_struct_na_base_pair_step.i_label_asym_id_1 
_ndb_struct_na_base_pair_step.i_label_comp_id_1 
_ndb_struct_na_base_pair_step.i_label_seq_id_1 
_ndb_struct_na_base_pair_step.i_symmetry_1 
_ndb_struct_na_base_pair_step.j_label_asym_id_1 
_ndb_struct_na_base_pair_step.j_label_comp_id_1 
_ndb_struct_na_base_pair_step.j_label_seq_id_1 
_ndb_struct_na_base_pair_step.j_symmetry_1 
_ndb_struct_na_base_pair_step.i_label_asym_id_2 
_ndb_struct_na_base_pair_step.i_label_comp_id_2 
_ndb_struct_na_base_pair_step.i_label_seq_id_2 
_ndb_struct_na_base_pair_step.i_symmetry_2 
_ndb_struct_na_base_pair_step.j_label_asym_id_2 
_ndb_struct_na_base_pair_step.j_label_comp_id_2 
_ndb_struct_na_base_pair_step.j_label_seq_id_2 
_ndb_struct_na_base_pair_step.j_symmetry_2 
_ndb_struct_na_base_pair_step.shift 
_ndb_struct_na_base_pair_step.slide 
_ndb_struct_na_base_pair_step.rise 
_ndb_struct_na_base_pair_step.tilt 
_ndb_struct_na_base_pair_step.roll 
_ndb_struct_na_base_pair_step.twist 
_ndb_struct_na_base_pair_step.x_displacement 
_ndb_struct_na_base_pair_step.y_displacement 
_ndb_struct_na_base_pair_step.helical_rise 
_ndb_struct_na_base_pair_step.inclination 
_ndb_struct_na_base_pair_step.tip 
_ndb_struct_na_base_pair_step.helical_twist 
_ndb_struct_na_base_pair_step.step_number 
_ndb_struct_na_base_pair_step.step_name 
_ndb_struct_na_base_pair_step.i_auth_asym_id_1 
_ndb_struct_na_base_pair_step.i_auth_seq_id_1 
_ndb_struct_na_base_pair_step.i_PDB_ins_code_1 
_ndb_struct_na_base_pair_step.j_auth_asym_id_1 
_ndb_struct_na_base_pair_step.j_auth_seq_id_1 
_ndb_struct_na_base_pair_step.j_PDB_ins_code_1 
_ndb_struct_na_base_pair_step.i_auth_asym_id_2 
_ndb_struct_na_base_pair_step.i_auth_seq_id_2 
_ndb_struct_na_base_pair_step.i_PDB_ins_code_2 
_ndb_struct_na_base_pair_step.j_auth_asym_id_2 
_ndb_struct_na_base_pair_step.j_auth_seq_id_2 
_ndb_struct_na_base_pair_step.j_PDB_ins_code_2 
1 A DC 4 1_555 A DG 9 4_545 A DA 5 1_555 A DT 8 4_545 -0.485 1.017  3.012 4.903  2.647 34.911 1.315  1.467  2.985 4.377  -8.108 
35.339 1 AA_DC4DA5:DT8DG9_AA A 4 ? A 9 ? A 5 ? A 8 ? 
1 A DA 5 1_555 A DT 8 4_545 A DG 6 1_555 A DC 7 4_545 0.139  0.472  3.421 -4.238 1.764 39.548 0.479  -0.718 3.406 2.596  6.238  
39.803 2 AA_DA5DG6:DC7DT8_AA A 5 ? A 8 ? A 6 ? A 7 ? 
1 A DG 6 1_555 A DC 7 4_545 A DC 7 1_555 A DG 6 4_545 0.000  -0.552 3.349 0.000  5.889 31.367 -2.085 0.000  3.195 10.773 0.000  
31.901 3 AA_DG6DC7:DG6DC7_AA A 6 ? A 7 ? A 7 ? A 6 ? 
1 A DC 7 1_555 A DG 6 4_545 A DT 8 1_555 A DA 5 4_545 -0.139 0.472  3.421 4.238  1.764 39.548 0.479  0.718  3.406 2.596  -6.238 
39.803 4 AA_DC7DT8:DA5DG6_AA A 7 ? A 6 ? A 8 ? A 5 ? 
1 A DT 8 1_555 A DA 5 4_545 A DG 9 1_555 A DC 4 4_545 0.485  1.017  3.012 -4.903 2.647 34.911 1.315  -1.467 2.985 4.377  8.108  
35.339 5 AA_DT8DG9:DC4DA5_AA A 8 ? A 5 ? A 9 ? A 4 ? 
# 
loop_
_pdbx_entity_nonpoly.entity_id 
_pdbx_entity_nonpoly.name 
_pdbx_entity_nonpoly.comp_id 
2 'MAGNESIUM ION' MG  
3 water           HOH 
# 
_pdbx_initial_refinement_model.id               1 
_pdbx_initial_refinement_model.entity_id_list   ? 
_pdbx_initial_refinement_model.type             'experimental model' 
_pdbx_initial_refinement_model.source_name      PDB 
_pdbx_initial_refinement_model.accession_code   1P1Y 
_pdbx_initial_refinement_model.details          'PDB ENTRY 1p1y' 
# 
